data_6OMW
#
_entry.id   6OMW
#
_cell.length_a   154.214
_cell.length_b   154.214
_cell.length_c   58.163
_cell.angle_alpha   90.00
_cell.angle_beta   90.00
_cell.angle_gamma   120.00
#
_symmetry.space_group_name_H-M   'P 31'
#
loop_
_entity.id
_entity.type
_entity.pdbx_description
1 polymer AAEL005772-PA
2 non-polymer 'MALONIC ACID'
3 non-polymer 'PALMITOLEIC ACID'
4 water water
#
_entity_poly.entity_id   1
_entity_poly.type   'polypeptide(L)'
_entity_poly.pdbx_seq_one_letter_code
;MEFTVSTTEDLQRYRTECVSSLNIPADYVEKFKKWEFPEDDTTMCYIKCVFNKMQLFDDTEGPLVDNLVHQLAHGRDAEE
VRTEVLKCVDKNTDNNACHWAFRGFKCFQKNNLSLIKASIKKD
;
_entity_poly.pdbx_strand_id   A,B,F,C,D,I,G,H,E
#
loop_
_chem_comp.id
_chem_comp.type
_chem_comp.name
_chem_comp.formula
MLA non-polymer 'MALONIC ACID' 'C3 H4 O4'
PAM non-polymer 'PALMITOLEIC ACID' 'C16 H30 O2'
#
# COMPACT_ATOMS: atom_id res chain seq x y z
N GLU A 2 29.06 40.80 22.82
CA GLU A 2 27.97 40.06 23.50
C GLU A 2 27.19 39.24 22.47
N PHE A 3 27.86 38.24 21.86
CA PHE A 3 27.14 37.24 21.10
C PHE A 3 27.05 35.93 21.87
N THR A 4 25.80 35.49 22.07
CA THR A 4 25.51 34.16 22.58
C THR A 4 24.55 33.49 21.60
N VAL A 5 24.63 32.16 21.51
CA VAL A 5 23.84 31.42 20.54
C VAL A 5 22.39 31.39 20.99
N SER A 6 21.48 31.39 20.01
CA SER A 6 20.04 31.27 20.27
C SER A 6 19.65 29.81 20.41
N THR A 7 18.75 29.55 21.37
CA THR A 7 18.13 28.26 21.58
C THR A 7 16.69 28.28 21.05
N THR A 8 16.07 27.10 21.08
CA THR A 8 14.66 26.92 20.81
C THR A 8 13.82 27.98 21.50
N GLU A 9 14.10 28.23 22.79
CA GLU A 9 13.33 29.17 23.59
C GLU A 9 13.49 30.60 23.08
N ASP A 10 14.71 30.99 22.73
CA ASP A 10 14.95 32.28 22.10
C ASP A 10 14.13 32.41 20.81
N LEU A 11 14.11 31.34 20.01
CA LEU A 11 13.47 31.37 18.70
C LEU A 11 11.97 31.55 18.86
N GLN A 12 11.36 30.86 19.84
CA GLN A 12 9.94 31.01 20.13
C GLN A 12 9.61 32.44 20.50
N ARG A 13 10.47 33.04 21.34
CA ARG A 13 10.29 34.41 21.77
C ARG A 13 10.40 35.35 20.57
N TYR A 14 11.50 35.23 19.82
CA TYR A 14 11.71 36.07 18.66
C TYR A 14 10.54 35.91 17.70
N ARG A 15 10.02 34.69 17.56
CA ARG A 15 8.88 34.45 16.67
C ARG A 15 7.68 35.29 17.09
N THR A 16 7.36 35.25 18.41
CA THR A 16 6.21 35.96 18.93
C THR A 16 6.37 37.46 18.67
N GLU A 17 7.58 37.97 18.92
CA GLU A 17 7.87 39.38 18.75
C GLU A 17 7.71 39.78 17.29
N CYS A 18 8.28 38.95 16.40
CA CYS A 18 8.28 39.25 14.98
C CYS A 18 6.87 39.14 14.40
N VAL A 19 6.11 38.12 14.81
CA VAL A 19 4.73 37.97 14.36
C VAL A 19 3.95 39.26 14.66
N SER A 20 3.98 39.72 15.92
CA SER A 20 3.17 40.85 16.32
C SER A 20 3.66 42.14 15.68
N SER A 21 4.98 42.35 15.64
CA SER A 21 5.54 43.57 15.10
C SER A 21 5.34 43.67 13.58
N LEU A 22 5.20 42.53 12.90
CA LEU A 22 4.99 42.56 11.45
C LEU A 22 3.53 42.23 11.10
N ASN A 23 2.68 42.02 12.10
CA ASN A 23 1.28 41.70 11.87
C ASN A 23 1.18 40.53 10.89
N ILE A 24 1.76 39.38 11.29
CA ILE A 24 1.79 38.21 10.44
C ILE A 24 0.42 37.56 10.50
N PRO A 25 -0.23 37.28 9.36
CA PRO A 25 -1.52 36.58 9.35
C PRO A 25 -1.39 35.17 9.93
N ALA A 26 -2.52 34.62 10.39
CA ALA A 26 -2.53 33.44 11.24
C ALA A 26 -2.12 32.19 10.43
N ASP A 27 -2.44 32.15 9.14
CA ASP A 27 -2.05 31.05 8.28
C ASP A 27 -0.53 30.90 8.29
N TYR A 28 0.17 32.04 8.18
CA TYR A 28 1.63 32.07 8.18
C TYR A 28 2.17 31.62 9.54
N VAL A 29 1.61 32.16 10.62
CA VAL A 29 2.10 31.85 11.96
C VAL A 29 2.24 30.34 12.12
N GLU A 30 1.17 29.61 11.79
CA GLU A 30 1.12 28.17 12.00
C GLU A 30 2.18 27.46 11.16
N LYS A 31 2.47 27.99 9.96
CA LYS A 31 3.52 27.44 9.12
C LYS A 31 4.89 27.68 9.77
N PHE A 32 5.11 28.91 10.24
CA PHE A 32 6.37 29.29 10.87
C PHE A 32 6.62 28.48 12.15
N LYS A 33 5.56 28.10 12.86
CA LYS A 33 5.72 27.26 14.04
C LYS A 33 6.18 25.87 13.64
N LYS A 34 5.86 25.44 12.41
CA LYS A 34 6.32 24.15 11.90
C LYS A 34 7.63 24.28 11.12
N TRP A 35 8.29 25.44 11.19
CA TRP A 35 9.48 25.74 10.40
C TRP A 35 9.23 25.50 8.91
N GLU A 36 8.06 25.94 8.42
CA GLU A 36 7.74 25.90 7.01
C GLU A 36 7.67 27.34 6.49
N PHE A 37 8.44 27.61 5.44
CA PHE A 37 8.70 28.98 5.02
C PHE A 37 8.42 29.13 3.53
N PRO A 38 7.22 29.63 3.14
CA PRO A 38 6.93 29.94 1.73
C PRO A 38 7.82 31.09 1.25
N GLU A 39 8.26 31.00 -0.01
CA GLU A 39 9.14 32.01 -0.58
C GLU A 39 8.30 33.18 -1.08
N ASP A 40 7.92 34.07 -0.16
CA ASP A 40 7.14 35.26 -0.48
C ASP A 40 7.47 36.34 0.55
N ASP A 41 7.01 37.57 0.28
CA ASP A 41 7.53 38.75 0.95
C ASP A 41 7.19 38.73 2.44
N THR A 42 6.03 38.17 2.81
CA THR A 42 5.66 38.11 4.20
C THR A 42 6.68 37.28 4.99
N THR A 43 7.05 36.12 4.43
CA THR A 43 7.98 35.20 5.05
C THR A 43 9.40 35.79 5.07
N MET A 44 9.77 36.52 4.02
CA MET A 44 11.13 37.01 3.93
C MET A 44 11.39 38.06 5.00
N CYS A 45 10.39 38.88 5.29
CA CYS A 45 10.56 39.87 6.37
C CYS A 45 10.50 39.19 7.74
N TYR A 46 9.73 38.10 7.88
CA TYR A 46 9.71 37.36 9.13
C TYR A 46 11.12 36.82 9.40
N ILE A 47 11.73 36.21 8.38
CA ILE A 47 13.04 35.60 8.53
C ILE A 47 14.07 36.69 8.84
N LYS A 48 14.01 37.83 8.15
CA LYS A 48 14.91 38.92 8.48
C LYS A 48 14.74 39.28 9.96
N CYS A 49 13.49 39.41 10.39
CA CYS A 49 13.18 39.84 11.74
C CYS A 49 13.79 38.90 12.76
N VAL A 50 13.62 37.58 12.57
CA VAL A 50 14.17 36.59 13.50
C VAL A 50 15.71 36.64 13.49
N PHE A 51 16.32 36.72 12.31
CA PHE A 51 17.77 36.75 12.17
C PHE A 51 18.37 37.99 12.84
N ASN A 52 17.70 39.14 12.68
CA ASN A 52 18.06 40.38 13.36
C ASN A 52 18.15 40.17 14.86
N LYS A 53 17.15 39.50 15.42
CA LYS A 53 17.04 39.36 16.86
C LYS A 53 18.10 38.38 17.36
N MET A 54 18.46 37.40 16.51
CA MET A 54 19.47 36.41 16.86
C MET A 54 20.87 36.98 16.62
N GLN A 55 20.95 38.21 16.12
CA GLN A 55 22.22 38.86 15.79
C GLN A 55 22.96 38.06 14.72
N LEU A 56 22.22 37.58 13.72
CA LEU A 56 22.79 36.85 12.60
C LEU A 56 22.76 37.71 11.33
N PHE A 57 22.02 38.82 11.38
CA PHE A 57 21.77 39.64 10.22
C PHE A 57 21.54 41.06 10.67
N ASP A 58 22.24 41.98 10.01
CA ASP A 58 22.09 43.41 10.21
C ASP A 58 21.62 44.01 8.90
N ASP A 59 20.62 44.89 8.97
CA ASP A 59 19.99 45.37 7.76
C ASP A 59 20.97 46.16 6.89
N THR A 60 22.01 46.77 7.47
CA THR A 60 23.03 47.47 6.69
C THR A 60 24.18 46.53 6.32
N GLU A 61 24.76 45.83 7.31
CA GLU A 61 25.95 45.03 7.04
C GLU A 61 25.56 43.72 6.35
N GLY A 62 24.32 43.28 6.57
CA GLY A 62 23.86 42.01 6.01
C GLY A 62 24.21 40.85 6.93
N PRO A 63 24.43 39.64 6.38
CA PRO A 63 24.74 38.45 7.18
C PRO A 63 25.98 38.72 8.04
N LEU A 64 25.92 38.35 9.33
CA LEU A 64 27.04 38.57 10.22
C LEU A 64 27.79 37.26 10.43
N VAL A 65 28.91 37.10 9.71
CA VAL A 65 29.52 35.80 9.51
C VAL A 65 29.97 35.17 10.82
N ASP A 66 30.64 35.93 11.70
CA ASP A 66 31.21 35.35 12.90
C ASP A 66 30.09 34.74 13.74
N ASN A 67 29.01 35.52 13.93
CA ASN A 67 27.89 35.06 14.74
C ASN A 67 27.24 33.86 14.06
N LEU A 68 27.13 33.88 12.73
CA LEU A 68 26.50 32.78 12.02
C LEU A 68 27.31 31.51 12.24
N VAL A 69 28.64 31.63 12.21
CA VAL A 69 29.50 30.48 12.41
C VAL A 69 29.31 29.94 13.82
N HIS A 70 29.29 30.82 14.83
CA HIS A 70 29.04 30.39 16.20
C HIS A 70 27.71 29.66 16.30
N GLN A 71 26.67 30.19 15.63
CA GLN A 71 25.33 29.65 15.72
C GLN A 71 25.25 28.33 14.97
N LEU A 72 25.86 28.27 13.78
CA LEU A 72 25.60 27.17 12.85
C LEU A 72 26.61 26.03 13.01
N ALA A 73 27.72 26.23 13.71
CA ALA A 73 28.74 25.19 13.80
C ALA A 73 28.17 23.93 14.45
N HIS A 74 27.54 24.08 15.63
CA HIS A 74 27.04 22.97 16.42
C HIS A 74 28.11 21.92 16.65
N GLY A 75 29.33 22.36 16.98
CA GLY A 75 30.43 21.47 17.30
C GLY A 75 31.34 21.15 16.12
N ARG A 76 30.92 21.50 14.90
CA ARG A 76 31.71 21.23 13.71
C ARG A 76 32.91 22.17 13.64
N ASP A 77 33.89 21.83 12.79
CA ASP A 77 35.08 22.65 12.61
C ASP A 77 34.65 24.06 12.21
N ALA A 78 35.08 25.06 12.97
CA ALA A 78 34.71 26.48 12.74
C ALA A 78 35.15 26.89 11.33
N GLU A 79 36.38 26.56 10.94
CA GLU A 79 37.00 26.98 9.66
C GLU A 79 36.15 26.45 8.50
N GLU A 80 35.70 25.20 8.60
CA GLU A 80 34.96 24.56 7.53
C GLU A 80 33.54 25.13 7.44
N VAL A 81 32.94 25.42 8.60
CA VAL A 81 31.61 26.02 8.64
C VAL A 81 31.68 27.43 8.05
N ARG A 82 32.76 28.15 8.36
CA ARG A 82 32.99 29.55 7.90
C ARG A 82 33.05 29.59 6.37
N THR A 83 33.81 28.71 5.73
CA THR A 83 34.00 28.70 4.26
C THR A 83 32.63 28.40 3.62
N GLU A 84 31.82 27.55 4.24
CA GLU A 84 30.48 27.25 3.72
C GLU A 84 29.56 28.48 3.86
N VAL A 85 29.63 29.16 5.00
CA VAL A 85 28.78 30.30 5.26
C VAL A 85 29.08 31.42 4.26
N LEU A 86 30.39 31.63 4.01
CA LEU A 86 30.84 32.72 3.17
C LEU A 86 30.36 32.51 1.73
N LYS A 87 30.25 31.25 1.30
CA LYS A 87 29.67 30.95 0.00
C LYS A 87 28.22 31.44 -0.07
N CYS A 88 27.55 31.53 1.07
CA CYS A 88 26.15 31.92 1.11
C CYS A 88 25.97 33.44 1.22
N VAL A 89 27.08 34.17 1.36
CA VAL A 89 27.02 35.60 1.65
C VAL A 89 27.18 36.36 0.34
N ASP A 90 26.22 37.25 0.07
CA ASP A 90 26.22 38.08 -1.13
C ASP A 90 25.89 39.51 -0.70
N LYS A 91 25.74 40.41 -1.68
CA LYS A 91 25.47 41.81 -1.44
C LYS A 91 23.98 42.09 -1.57
N ASN A 92 23.57 43.29 -1.15
CA ASN A 92 22.17 43.67 -1.11
C ASN A 92 21.77 44.20 -2.48
N THR A 93 21.55 43.28 -3.42
CA THR A 93 21.49 43.61 -4.84
C THR A 93 20.20 44.35 -5.19
N ASP A 94 19.09 44.07 -4.51
CA ASP A 94 17.84 44.77 -4.78
C ASP A 94 17.48 45.71 -3.64
N ASN A 95 18.45 46.00 -2.77
CA ASN A 95 18.25 46.99 -1.73
C ASN A 95 17.01 46.66 -0.89
N ASN A 96 16.76 45.35 -0.68
CA ASN A 96 15.66 44.90 0.15
C ASN A 96 16.20 43.89 1.17
N ALA A 97 16.33 44.34 2.42
CA ALA A 97 17.01 43.58 3.46
C ALA A 97 16.24 42.30 3.78
N CYS A 98 14.92 42.29 3.54
CA CYS A 98 14.11 41.11 3.72
C CYS A 98 14.53 40.05 2.71
N HIS A 99 14.61 40.47 1.44
CA HIS A 99 15.06 39.60 0.35
C HIS A 99 16.48 39.12 0.62
N TRP A 100 17.30 40.02 1.18
CA TRP A 100 18.69 39.75 1.45
C TRP A 100 18.84 38.65 2.51
N ALA A 101 18.09 38.77 3.61
CA ALA A 101 18.20 37.81 4.70
C ALA A 101 17.77 36.43 4.23
N PHE A 102 16.67 36.38 3.46
CA PHE A 102 16.07 35.12 3.06
C PHE A 102 17.00 34.36 2.12
N ARG A 103 17.69 35.10 1.25
CA ARG A 103 18.63 34.52 0.30
C ARG A 103 19.70 33.74 1.06
N GLY A 104 20.26 34.38 2.10
CA GLY A 104 21.18 33.71 3.00
C GLY A 104 20.57 32.46 3.64
N PHE A 105 19.35 32.61 4.16
CA PHE A 105 18.62 31.51 4.79
C PHE A 105 18.53 30.30 3.84
N LYS A 106 18.11 30.57 2.61
CA LYS A 106 17.89 29.53 1.62
C LYS A 106 19.19 28.77 1.37
N CYS A 107 20.29 29.51 1.16
CA CYS A 107 21.59 28.91 0.94
C CYS A 107 22.01 28.08 2.15
N PHE A 108 21.75 28.57 3.38
CA PHE A 108 22.12 27.82 4.58
C PHE A 108 21.43 26.45 4.58
N GLN A 109 20.12 26.46 4.33
CA GLN A 109 19.32 25.26 4.38
C GLN A 109 19.78 24.30 3.28
N LYS A 110 20.05 24.85 2.09
CA LYS A 110 20.54 24.06 0.98
C LYS A 110 21.84 23.35 1.37
N ASN A 111 22.67 24.02 2.19
CA ASN A 111 23.95 23.47 2.58
C ASN A 111 23.84 22.71 3.91
N ASN A 112 22.61 22.54 4.41
CA ASN A 112 22.35 21.77 5.62
C ASN A 112 23.01 22.37 6.85
N LEU A 113 23.04 23.70 6.90
CA LEU A 113 23.42 24.41 8.11
C LEU A 113 22.12 24.82 8.80
N SER A 114 21.91 24.35 10.04
CA SER A 114 20.68 24.61 10.76
C SER A 114 20.96 25.54 11.94
N LEU A 115 19.98 26.41 12.25
CA LEU A 115 20.08 27.27 13.42
C LEU A 115 20.13 26.42 14.69
N ILE A 116 19.26 25.40 14.74
CA ILE A 116 19.07 24.59 15.93
C ILE A 116 19.39 23.14 15.56
N LYS A 117 20.17 22.50 16.42
CA LYS A 117 20.54 21.10 16.24
C LYS A 117 20.58 20.44 17.61
N ALA A 118 20.15 19.19 17.69
CA ALA A 118 20.21 18.43 18.93
C ALA A 118 21.66 18.34 19.37
N SER A 119 21.87 18.45 20.68
CA SER A 119 23.18 18.35 21.28
C SER A 119 23.19 17.20 22.29
N ILE A 120 24.06 16.20 22.08
CA ILE A 120 24.24 15.10 23.02
C ILE A 120 25.47 15.38 23.87
N LYS A 121 25.36 15.16 25.19
CA LYS A 121 26.37 15.59 26.14
C LYS A 121 26.74 14.44 27.07
N LYS A 122 28.02 14.06 27.08
CA LYS A 122 28.54 13.05 27.99
C LYS A 122 29.96 13.45 28.42
N GLU B 2 -1.62 5.29 7.35
CA GLU B 2 -0.19 5.27 6.95
C GLU B 2 0.58 6.26 7.83
N PHE B 3 1.92 6.20 7.77
CA PHE B 3 2.76 6.97 8.68
C PHE B 3 2.76 8.43 8.27
N THR B 4 2.80 9.31 9.28
CA THR B 4 2.90 10.74 9.08
C THR B 4 4.16 11.26 9.77
N VAL B 5 4.91 12.11 9.05
CA VAL B 5 6.12 12.70 9.59
C VAL B 5 5.73 13.62 10.74
N SER B 6 6.61 13.69 11.75
CA SER B 6 6.39 14.53 12.91
C SER B 6 6.96 15.93 12.64
N THR B 7 6.22 16.95 13.08
CA THR B 7 6.63 18.34 13.02
C THR B 7 7.12 18.81 14.39
N THR B 8 7.63 20.03 14.45
CA THR B 8 7.98 20.67 15.72
C THR B 8 6.84 20.57 16.72
N GLU B 9 5.60 20.71 16.25
CA GLU B 9 4.45 20.70 17.15
C GLU B 9 4.21 19.29 17.68
N ASP B 10 4.41 18.27 16.83
CA ASP B 10 4.29 16.90 17.28
C ASP B 10 5.31 16.62 18.36
N LEU B 11 6.56 17.08 18.16
CA LEU B 11 7.62 16.87 19.12
C LEU B 11 7.26 17.52 20.45
N GLN B 12 6.69 18.72 20.38
CA GLN B 12 6.23 19.46 21.55
C GLN B 12 5.28 18.61 22.38
N ARG B 13 4.26 18.07 21.70
CA ARG B 13 3.21 17.31 22.32
C ARG B 13 3.78 16.02 22.92
N TYR B 14 4.66 15.34 22.18
CA TYR B 14 5.25 14.10 22.66
C TYR B 14 6.17 14.34 23.84
N ARG B 15 6.94 15.43 23.79
CA ARG B 15 7.73 15.83 24.94
C ARG B 15 6.83 15.96 26.18
N THR B 16 5.66 16.57 26.03
CA THR B 16 4.75 16.79 27.14
C THR B 16 4.22 15.46 27.66
N GLU B 17 3.84 14.58 26.71
CA GLU B 17 3.32 13.27 27.05
C GLU B 17 4.39 12.47 27.80
N CYS B 18 5.64 12.52 27.29
CA CYS B 18 6.72 11.75 27.89
C CYS B 18 7.14 12.30 29.24
N VAL B 19 7.22 13.62 29.36
CA VAL B 19 7.57 14.28 30.62
C VAL B 19 6.63 13.79 31.73
N SER B 20 5.33 13.73 31.41
CA SER B 20 4.32 13.26 32.34
C SER B 20 4.49 11.77 32.64
N SER B 21 4.51 10.93 31.61
CA SER B 21 4.48 9.49 31.82
C SER B 21 5.77 8.98 32.46
N LEU B 22 6.90 9.68 32.27
CA LEU B 22 8.18 9.21 32.81
C LEU B 22 8.56 9.98 34.08
N ASN B 23 7.73 10.95 34.46
CA ASN B 23 7.97 11.81 35.61
C ASN B 23 9.34 12.44 35.50
N ILE B 24 9.58 13.13 34.38
CA ILE B 24 10.87 13.74 34.11
C ILE B 24 11.06 14.92 35.06
N PRO B 25 12.14 14.96 35.87
CA PRO B 25 12.45 16.14 36.69
C PRO B 25 12.67 17.39 35.85
N ALA B 26 12.32 18.56 36.40
CA ALA B 26 12.19 19.79 35.63
C ALA B 26 13.52 20.21 35.02
N ASP B 27 14.62 19.98 35.72
CA ASP B 27 15.93 20.37 35.22
C ASP B 27 16.26 19.61 33.92
N TYR B 28 15.76 18.38 33.80
CA TYR B 28 15.88 17.62 32.56
C TYR B 28 14.96 18.21 31.50
N VAL B 29 13.74 18.60 31.89
CA VAL B 29 12.78 19.14 30.95
C VAL B 29 13.38 20.36 30.24
N GLU B 30 14.02 21.21 31.05
CA GLU B 30 14.63 22.43 30.55
C GLU B 30 15.59 22.10 29.42
N LYS B 31 16.47 21.12 29.66
CA LYS B 31 17.42 20.69 28.65
C LYS B 31 16.71 20.12 27.43
N PHE B 32 15.68 19.29 27.64
CA PHE B 32 15.07 18.61 26.51
C PHE B 32 14.39 19.61 25.58
N LYS B 33 13.82 20.68 26.15
CA LYS B 33 13.16 21.73 25.39
C LYS B 33 14.16 22.46 24.48
N LYS B 34 15.42 22.53 24.92
CA LYS B 34 16.50 23.14 24.17
C LYS B 34 17.27 22.11 23.35
N TRP B 35 16.76 20.86 23.30
CA TRP B 35 17.32 19.77 22.50
C TRP B 35 18.72 19.40 22.98
N GLU B 36 18.92 19.47 24.30
CA GLU B 36 20.16 19.09 24.94
C GLU B 36 19.92 17.77 25.65
N PHE B 37 20.72 16.74 25.34
CA PHE B 37 20.40 15.38 25.75
C PHE B 37 21.61 14.75 26.44
N PRO B 38 21.70 14.81 27.79
CA PRO B 38 22.76 14.11 28.51
C PRO B 38 22.67 12.60 28.30
N GLU B 39 23.80 11.92 28.34
CA GLU B 39 23.84 10.50 28.04
C GLU B 39 23.64 9.71 29.34
N ASP B 40 22.43 9.79 29.92
CA ASP B 40 22.09 9.06 31.14
C ASP B 40 20.77 8.34 30.94
N ASP B 41 20.38 7.57 31.96
CA ASP B 41 19.21 6.70 31.86
C ASP B 41 17.93 7.51 31.65
N THR B 42 17.83 8.61 32.40
CA THR B 42 16.66 9.48 32.32
C THR B 42 16.44 9.91 30.88
N THR B 43 17.53 10.33 30.24
CA THR B 43 17.45 10.94 28.92
C THR B 43 17.22 9.86 27.87
N MET B 44 17.81 8.67 28.08
CA MET B 44 17.74 7.60 27.11
C MET B 44 16.33 7.03 27.04
N CYS B 45 15.67 6.90 28.20
CA CYS B 45 14.29 6.45 28.20
C CYS B 45 13.37 7.55 27.67
N TYR B 46 13.76 8.82 27.81
CA TYR B 46 12.99 9.91 27.22
C TYR B 46 13.04 9.84 25.70
N ILE B 47 14.22 9.59 25.14
CA ILE B 47 14.37 9.50 23.70
C ILE B 47 13.55 8.32 23.19
N LYS B 48 13.65 7.19 23.90
CA LYS B 48 12.89 6.02 23.51
C LYS B 48 11.41 6.40 23.45
N CYS B 49 10.92 7.09 24.48
CA CYS B 49 9.51 7.46 24.57
C CYS B 49 9.11 8.34 23.38
N VAL B 50 9.91 9.35 23.06
CA VAL B 50 9.55 10.28 22.00
C VAL B 50 9.58 9.52 20.67
N PHE B 51 10.65 8.73 20.45
CA PHE B 51 10.74 7.96 19.22
C PHE B 51 9.59 6.96 19.13
N ASN B 52 9.16 6.36 20.25
CA ASN B 52 8.00 5.47 20.23
C ASN B 52 6.78 6.24 19.68
N LYS B 53 6.58 7.47 20.16
CA LYS B 53 5.40 8.25 19.81
C LYS B 53 5.48 8.73 18.36
N MET B 54 6.67 9.05 17.86
CA MET B 54 6.84 9.46 16.47
C MET B 54 6.80 8.25 15.53
N GLN B 55 6.74 7.04 16.10
CA GLN B 55 6.75 5.79 15.34
C GLN B 55 8.08 5.63 14.60
N LEU B 56 9.18 5.91 15.31
CA LEU B 56 10.50 5.78 14.75
C LEU B 56 11.24 4.61 15.40
N PHE B 57 10.67 4.05 16.47
CA PHE B 57 11.33 3.00 17.23
C PHE B 57 10.26 2.18 17.91
N ASP B 58 10.51 0.88 18.02
CA ASP B 58 9.62 -0.06 18.69
C ASP B 58 10.50 -0.88 19.64
N ASP B 59 10.04 -1.05 20.88
CA ASP B 59 10.84 -1.68 21.91
C ASP B 59 11.23 -3.11 21.50
N THR B 60 10.42 -3.76 20.66
CA THR B 60 10.68 -5.12 20.20
C THR B 60 11.44 -5.13 18.89
N GLU B 61 10.98 -4.31 17.92
CA GLU B 61 11.48 -4.37 16.56
C GLU B 61 12.69 -3.46 16.38
N GLY B 62 12.86 -2.46 17.25
CA GLY B 62 14.02 -1.60 17.15
C GLY B 62 13.75 -0.37 16.28
N PRO B 63 14.78 0.25 15.67
CA PRO B 63 14.56 1.40 14.82
C PRO B 63 13.58 0.98 13.72
N LEU B 64 12.63 1.85 13.39
CA LEU B 64 11.67 1.56 12.35
C LEU B 64 12.10 2.28 11.07
N VAL B 65 12.73 1.51 10.17
CA VAL B 65 13.57 2.06 9.13
C VAL B 65 12.76 2.84 8.10
N ASP B 66 11.63 2.30 7.62
CA ASP B 66 10.84 2.97 6.60
C ASP B 66 10.39 4.34 7.14
N ASN B 67 9.89 4.37 8.38
CA ASN B 67 9.38 5.59 8.98
C ASN B 67 10.53 6.57 9.18
N LEU B 68 11.69 6.07 9.61
CA LEU B 68 12.85 6.91 9.77
C LEU B 68 13.22 7.59 8.45
N VAL B 69 13.09 6.86 7.35
CA VAL B 69 13.49 7.39 6.06
C VAL B 69 12.54 8.53 5.68
N HIS B 70 11.24 8.31 5.82
CA HIS B 70 10.26 9.36 5.60
C HIS B 70 10.59 10.59 6.43
N GLN B 71 10.89 10.39 7.73
CA GLN B 71 11.10 11.47 8.68
C GLN B 71 12.39 12.22 8.35
N LEU B 72 13.46 11.48 8.11
CA LEU B 72 14.78 12.08 8.02
C LEU B 72 15.09 12.56 6.60
N ALA B 73 14.27 12.16 5.62
CA ALA B 73 14.55 12.46 4.22
C ALA B 73 14.61 13.96 3.97
N HIS B 74 13.50 14.66 4.27
CA HIS B 74 13.37 16.06 3.92
C HIS B 74 13.74 16.28 2.46
N GLY B 75 13.21 15.44 1.56
CA GLY B 75 13.35 15.68 0.13
C GLY B 75 14.48 14.88 -0.53
N ARG B 76 15.49 14.47 0.25
CA ARG B 76 16.60 13.68 -0.27
C ARG B 76 16.07 12.34 -0.77
N ASP B 77 16.88 11.64 -1.58
CA ASP B 77 16.46 10.44 -2.26
C ASP B 77 16.34 9.28 -1.26
N ALA B 78 15.19 8.61 -1.28
CA ALA B 78 14.84 7.57 -0.31
C ALA B 78 15.95 6.52 -0.22
N GLU B 79 16.34 5.95 -1.36
CA GLU B 79 17.30 4.86 -1.39
C GLU B 79 18.58 5.28 -0.67
N GLU B 80 18.95 6.56 -0.80
CA GLU B 80 20.18 7.08 -0.23
C GLU B 80 20.03 7.23 1.29
N VAL B 81 18.90 7.79 1.72
CA VAL B 81 18.60 7.98 3.12
C VAL B 81 18.59 6.61 3.80
N ARG B 82 17.89 5.66 3.16
CA ARG B 82 17.76 4.31 3.67
C ARG B 82 19.15 3.75 3.95
N THR B 83 20.11 4.03 3.05
CA THR B 83 21.44 3.48 3.13
C THR B 83 22.12 3.97 4.41
N GLU B 84 21.97 5.27 4.68
CA GLU B 84 22.60 5.91 5.81
C GLU B 84 21.94 5.48 7.12
N VAL B 85 20.61 5.33 7.11
CA VAL B 85 19.88 4.87 8.27
C VAL B 85 20.30 3.44 8.64
N LEU B 86 20.34 2.55 7.64
CA LEU B 86 20.64 1.14 7.85
C LEU B 86 22.00 0.99 8.53
N LYS B 87 22.96 1.85 8.18
CA LYS B 87 24.25 1.88 8.86
C LYS B 87 24.08 2.11 10.36
N CYS B 88 22.96 2.73 10.77
CA CYS B 88 22.75 3.09 12.16
C CYS B 88 21.88 2.07 12.90
N VAL B 89 21.41 1.03 12.20
CA VAL B 89 20.55 0.02 12.80
C VAL B 89 21.41 -1.13 13.30
N ASP B 90 21.18 -1.50 14.57
CA ASP B 90 21.86 -2.61 15.22
C ASP B 90 20.81 -3.40 16.00
N LYS B 91 21.26 -4.44 16.68
CA LYS B 91 20.38 -5.27 17.49
C LYS B 91 20.41 -4.78 18.93
N ASN B 92 19.47 -5.30 19.73
CA ASN B 92 19.31 -4.87 21.10
C ASN B 92 20.26 -5.67 21.98
N THR B 93 21.56 -5.44 21.82
CA THR B 93 22.56 -6.40 22.25
C THR B 93 22.62 -6.49 23.77
N ASP B 94 22.26 -5.43 24.48
CA ASP B 94 22.30 -5.46 25.94
C ASP B 94 20.89 -5.49 26.54
N ASN B 95 19.88 -5.78 25.71
CA ASN B 95 18.52 -6.02 26.16
C ASN B 95 17.99 -4.80 26.93
N ASN B 96 18.30 -3.61 26.43
CA ASN B 96 17.85 -2.37 27.04
C ASN B 96 17.35 -1.47 25.93
N ALA B 97 16.02 -1.41 25.78
CA ALA B 97 15.39 -0.66 24.70
C ALA B 97 15.76 0.81 24.74
N CYS B 98 16.03 1.37 25.93
CA CYS B 98 16.38 2.78 26.06
C CYS B 98 17.78 3.02 25.49
N HIS B 99 18.73 2.13 25.81
CA HIS B 99 20.06 2.18 25.21
C HIS B 99 19.95 2.08 23.70
N TRP B 100 19.10 1.16 23.25
CA TRP B 100 18.96 0.86 21.83
C TRP B 100 18.49 2.08 21.06
N ALA B 101 17.46 2.77 21.59
CA ALA B 101 16.90 3.93 20.94
C ALA B 101 17.93 5.05 20.85
N PHE B 102 18.68 5.23 21.93
CA PHE B 102 19.59 6.35 22.04
C PHE B 102 20.81 6.15 21.12
N ARG B 103 21.23 4.89 20.98
CA ARG B 103 22.37 4.53 20.14
C ARG B 103 22.06 4.89 18.69
N GLY B 104 20.85 4.55 18.25
CA GLY B 104 20.36 4.98 16.94
C GLY B 104 20.39 6.50 16.81
N PHE B 105 19.87 7.20 17.84
CA PHE B 105 19.80 8.65 17.86
C PHE B 105 21.19 9.27 17.74
N LYS B 106 22.14 8.79 18.55
CA LYS B 106 23.51 9.27 18.47
C LYS B 106 24.06 9.11 17.04
N CYS B 107 23.79 7.93 16.45
CA CYS B 107 24.28 7.61 15.13
C CYS B 107 23.65 8.53 14.06
N PHE B 108 22.37 8.86 14.21
CA PHE B 108 21.75 9.80 13.27
C PHE B 108 22.42 11.17 13.36
N GLN B 109 22.70 11.61 14.58
CA GLN B 109 23.30 12.91 14.80
C GLN B 109 24.70 12.96 14.19
N LYS B 110 25.47 11.88 14.35
CA LYS B 110 26.81 11.80 13.78
C LYS B 110 26.73 11.88 12.25
N ASN B 111 25.75 11.21 11.64
CA ASN B 111 25.62 11.18 10.20
C ASN B 111 24.85 12.40 9.69
N ASN B 112 24.72 13.45 10.52
CA ASN B 112 24.03 14.68 10.14
C ASN B 112 22.66 14.36 9.55
N LEU B 113 21.87 13.58 10.30
CA LEU B 113 20.49 13.36 9.98
C LEU B 113 19.65 13.97 11.10
N SER B 114 18.66 14.77 10.72
CA SER B 114 17.87 15.53 11.66
C SER B 114 16.41 15.14 11.52
N LEU B 115 15.74 14.94 12.67
CA LEU B 115 14.32 14.65 12.68
C LEU B 115 13.56 15.82 12.08
N ILE B 116 14.01 17.04 12.42
CA ILE B 116 13.26 18.27 12.21
C ILE B 116 14.17 19.28 11.54
N LYS B 117 13.83 19.68 10.31
CA LYS B 117 14.55 20.72 9.59
C LYS B 117 13.57 21.75 9.01
N ALA B 118 14.04 23.00 8.89
CA ALA B 118 13.27 24.00 8.17
C ALA B 118 13.07 23.51 6.73
N SER B 119 11.94 23.85 6.15
CA SER B 119 11.71 23.60 4.74
C SER B 119 11.16 24.86 4.08
N ILE B 120 11.68 25.16 2.89
CA ILE B 120 11.24 26.31 2.11
C ILE B 120 10.30 25.84 1.02
N LYS B 121 9.11 26.45 0.93
CA LYS B 121 8.06 26.05 0.01
C LYS B 121 8.06 26.97 -1.21
N PHE C 3 38.43 9.96 -17.34
CA PHE C 3 36.94 10.04 -17.51
C PHE C 3 36.24 10.02 -16.16
N THR C 4 35.22 10.88 -15.99
CA THR C 4 34.36 10.85 -14.83
C THR C 4 32.91 10.64 -15.27
N VAL C 5 32.11 10.02 -14.39
CA VAL C 5 30.70 9.81 -14.64
C VAL C 5 30.01 11.18 -14.59
N SER C 6 28.98 11.35 -15.41
CA SER C 6 28.30 12.62 -15.54
C SER C 6 27.17 12.73 -14.52
N THR C 7 27.28 13.75 -13.66
CA THR C 7 26.25 14.08 -12.68
C THR C 7 25.07 14.71 -13.39
N THR C 8 23.97 14.93 -12.65
CA THR C 8 22.79 15.59 -13.19
C THR C 8 23.12 17.05 -13.52
N GLU C 9 23.96 17.68 -12.69
CA GLU C 9 24.39 19.05 -12.90
C GLU C 9 25.28 19.13 -14.14
N ASP C 10 26.11 18.10 -14.34
CA ASP C 10 27.01 18.06 -15.49
C ASP C 10 26.21 18.06 -16.79
N LEU C 11 25.15 17.24 -16.82
CA LEU C 11 24.38 17.03 -18.04
C LEU C 11 23.57 18.28 -18.39
N GLN C 12 22.84 18.82 -17.41
CA GLN C 12 22.03 20.01 -17.62
C GLN C 12 22.88 21.15 -18.18
N ARG C 13 24.14 21.25 -17.72
CA ARG C 13 25.08 22.23 -18.24
C ARG C 13 25.46 21.92 -19.68
N TYR C 14 25.72 20.65 -20.00
CA TYR C 14 26.09 20.23 -21.35
C TYR C 14 24.92 20.48 -22.30
N ARG C 15 23.70 20.22 -21.82
CA ARG C 15 22.49 20.48 -22.59
C ARG C 15 22.45 21.94 -23.07
N THR C 16 22.61 22.88 -22.13
CA THR C 16 22.39 24.29 -22.41
C THR C 16 23.51 24.81 -23.28
N GLU C 17 24.74 24.36 -23.02
CA GLU C 17 25.90 24.73 -23.81
C GLU C 17 25.70 24.29 -25.26
N CYS C 18 25.20 23.06 -25.47
CA CYS C 18 24.99 22.53 -26.81
C CYS C 18 23.82 23.27 -27.49
N VAL C 19 22.77 23.56 -26.72
CA VAL C 19 21.62 24.28 -27.27
C VAL C 19 22.11 25.63 -27.79
N SER C 20 22.89 26.32 -26.95
CA SER C 20 23.50 27.59 -27.27
C SER C 20 24.42 27.48 -28.49
N SER C 21 25.35 26.52 -28.46
CA SER C 21 26.39 26.45 -29.47
C SER C 21 25.83 26.01 -30.82
N LEU C 22 24.79 25.18 -30.82
CA LEU C 22 24.21 24.68 -32.07
C LEU C 22 22.97 25.48 -32.47
N ASN C 23 22.56 26.44 -31.62
CA ASN C 23 21.47 27.33 -31.97
C ASN C 23 20.20 26.51 -32.15
N ILE C 24 19.89 25.68 -31.15
CA ILE C 24 18.81 24.72 -31.29
C ILE C 24 17.49 25.39 -30.94
N PRO C 25 16.46 25.31 -31.81
CA PRO C 25 15.14 25.89 -31.53
C PRO C 25 14.47 25.28 -30.31
N ALA C 26 13.75 26.11 -29.53
CA ALA C 26 13.22 25.75 -28.23
C ALA C 26 12.20 24.63 -28.35
N ASP C 27 11.48 24.66 -29.48
CA ASP C 27 10.75 23.55 -30.06
C ASP C 27 11.43 22.20 -29.83
N TYR C 28 12.73 22.13 -30.12
CA TYR C 28 13.47 20.89 -30.01
C TYR C 28 13.82 20.63 -28.55
N VAL C 29 14.23 21.70 -27.87
CA VAL C 29 14.59 21.62 -26.46
C VAL C 29 13.45 20.98 -25.67
N GLU C 30 12.20 21.39 -25.94
CA GLU C 30 11.07 20.88 -25.18
C GLU C 30 10.96 19.38 -25.38
N LYS C 31 11.18 18.91 -26.61
CA LYS C 31 11.10 17.49 -26.93
C LYS C 31 12.21 16.73 -26.22
N PHE C 32 13.42 17.28 -26.21
CA PHE C 32 14.55 16.60 -25.57
C PHE C 32 14.23 16.34 -24.10
N LYS C 33 13.68 17.35 -23.42
CA LYS C 33 13.32 17.22 -22.01
C LYS C 33 12.34 16.08 -21.78
N LYS C 34 11.66 15.60 -22.84
CA LYS C 34 10.68 14.54 -22.73
C LYS C 34 11.18 13.25 -23.39
N TRP C 35 12.50 13.16 -23.60
CA TRP C 35 13.14 12.00 -24.21
C TRP C 35 12.49 11.68 -25.55
N GLU C 36 12.16 12.73 -26.31
CA GLU C 36 11.78 12.61 -27.71
C GLU C 36 12.92 13.17 -28.56
N PHE C 37 13.34 12.42 -29.57
CA PHE C 37 14.50 12.80 -30.38
C PHE C 37 14.16 12.58 -31.85
N PRO C 38 13.60 13.62 -32.54
CA PRO C 38 13.32 13.54 -33.97
C PRO C 38 14.56 13.15 -34.77
N GLU C 39 14.39 12.27 -35.76
CA GLU C 39 15.50 11.80 -36.56
C GLU C 39 15.82 12.85 -37.62
N ASP C 40 16.54 13.91 -37.23
CA ASP C 40 17.02 14.90 -38.18
C ASP C 40 18.36 15.44 -37.70
N ASP C 41 18.99 16.30 -38.52
CA ASP C 41 20.36 16.69 -38.27
C ASP C 41 20.44 17.55 -37.01
N THR C 42 19.37 18.31 -36.72
CA THR C 42 19.35 19.15 -35.52
C THR C 42 19.51 18.29 -34.28
N THR C 43 18.72 17.22 -34.21
CA THR C 43 18.78 16.30 -33.08
C THR C 43 20.07 15.50 -33.10
N MET C 44 20.49 15.03 -34.27
CA MET C 44 21.66 14.19 -34.36
C MET C 44 22.87 14.94 -33.82
N CYS C 45 23.07 16.19 -34.25
CA CYS C 45 24.27 16.91 -33.85
C CYS C 45 24.20 17.29 -32.37
N TYR C 46 23.00 17.48 -31.83
CA TYR C 46 22.81 17.71 -30.42
C TYR C 46 23.30 16.52 -29.60
N ILE C 47 22.89 15.32 -30.00
CA ILE C 47 23.27 14.11 -29.30
C ILE C 47 24.79 13.96 -29.38
N LYS C 48 25.38 14.29 -30.54
CA LYS C 48 26.83 14.20 -30.70
C LYS C 48 27.52 15.19 -29.77
N CYS C 49 27.00 16.41 -29.70
CA CYS C 49 27.56 17.45 -28.86
C CYS C 49 27.50 17.04 -27.38
N VAL C 50 26.33 16.56 -26.94
CA VAL C 50 26.19 16.13 -25.56
C VAL C 50 27.16 14.97 -25.28
N PHE C 51 27.23 14.00 -26.20
CA PHE C 51 28.08 12.84 -26.00
C PHE C 51 29.55 13.25 -26.03
N ASN C 52 29.92 14.19 -26.90
CA ASN C 52 31.27 14.71 -26.91
C ASN C 52 31.64 15.23 -25.52
N LYS C 53 30.76 16.03 -24.92
CA LYS C 53 31.05 16.68 -23.65
C LYS C 53 31.11 15.67 -22.51
N MET C 54 30.36 14.58 -22.60
CA MET C 54 30.37 13.54 -21.59
C MET C 54 31.50 12.53 -21.83
N GLN C 55 32.30 12.74 -22.89
CA GLN C 55 33.36 11.82 -23.28
C GLN C 55 32.80 10.42 -23.53
N LEU C 56 31.62 10.35 -24.15
CA LEU C 56 31.01 9.08 -24.52
C LEU C 56 31.20 8.77 -26.00
N PHE C 57 31.70 9.75 -26.77
CA PHE C 57 31.74 9.63 -28.22
C PHE C 57 32.82 10.57 -28.77
N ASP C 58 33.57 10.05 -29.76
CA ASP C 58 34.65 10.78 -30.40
C ASP C 58 34.36 10.79 -31.91
N ASP C 59 34.50 11.96 -32.55
CA ASP C 59 34.08 12.10 -33.94
C ASP C 59 34.90 11.20 -34.86
N THR C 60 36.13 10.84 -34.48
CA THR C 60 36.94 9.97 -35.30
C THR C 60 36.79 8.50 -34.86
N GLU C 61 36.86 8.24 -33.55
CA GLU C 61 36.90 6.87 -33.04
C GLU C 61 35.50 6.31 -32.79
N GLY C 62 34.50 7.18 -32.61
CA GLY C 62 33.13 6.74 -32.43
C GLY C 62 32.75 6.56 -30.97
N PRO C 63 31.79 5.65 -30.67
CA PRO C 63 31.44 5.36 -29.28
C PRO C 63 32.67 4.94 -28.49
N LEU C 64 32.81 5.47 -27.28
CA LEU C 64 33.92 5.14 -26.43
C LEU C 64 33.42 4.14 -25.38
N VAL C 65 33.73 2.86 -25.62
CA VAL C 65 32.98 1.76 -25.03
C VAL C 65 33.13 1.76 -23.51
N ASP C 66 34.37 1.95 -23.01
CA ASP C 66 34.61 1.84 -21.57
C ASP C 66 33.88 2.95 -20.83
N ASN C 67 33.92 4.16 -21.38
CA ASN C 67 33.26 5.30 -20.77
C ASN C 67 31.76 5.10 -20.75
N LEU C 68 31.22 4.58 -21.86
CA LEU C 68 29.80 4.29 -21.96
C LEU C 68 29.40 3.27 -20.90
N VAL C 69 30.15 2.18 -20.80
CA VAL C 69 29.83 1.13 -19.85
C VAL C 69 29.87 1.70 -18.44
N HIS C 70 30.91 2.49 -18.17
N HIS C 70 30.90 2.52 -18.17
CA HIS C 70 31.16 3.11 -16.88
CA HIS C 70 31.12 3.08 -16.85
C HIS C 70 30.03 4.09 -16.54
C HIS C 70 30.07 4.12 -16.52
N GLN C 71 29.62 4.88 -17.53
CA GLN C 71 28.50 5.80 -17.36
C GLN C 71 27.24 5.03 -17.00
N LEU C 72 26.95 3.97 -17.75
CA LEU C 72 25.67 3.30 -17.61
C LEU C 72 25.59 2.55 -16.28
N ALA C 73 26.72 2.20 -15.65
CA ALA C 73 26.69 1.28 -14.52
C ALA C 73 27.63 1.66 -13.39
N HIS C 74 28.17 2.89 -13.42
CA HIS C 74 29.02 3.39 -12.34
C HIS C 74 30.09 2.38 -11.94
N GLY C 75 30.68 1.67 -12.91
CA GLY C 75 31.64 0.62 -12.60
C GLY C 75 30.99 -0.76 -12.39
N ARG C 76 29.83 -0.80 -11.74
CA ARG C 76 29.25 -2.02 -11.19
C ARG C 76 28.46 -2.78 -12.24
N ASP C 77 28.67 -4.11 -12.32
CA ASP C 77 27.99 -4.96 -13.29
C ASP C 77 28.48 -4.63 -14.70
N ALA C 78 29.80 -4.39 -14.85
CA ALA C 78 30.36 -3.95 -16.13
C ALA C 78 29.93 -4.88 -17.26
N GLU C 79 30.02 -6.19 -17.03
CA GLU C 79 30.08 -7.17 -18.11
C GLU C 79 28.80 -7.21 -18.94
N GLU C 80 27.62 -7.21 -18.30
CA GLU C 80 26.39 -7.42 -19.04
C GLU C 80 25.95 -6.10 -19.70
N VAL C 81 26.28 -4.97 -19.06
CA VAL C 81 26.13 -3.67 -19.70
C VAL C 81 26.95 -3.66 -21.00
N ARG C 82 28.23 -4.01 -20.90
CA ARG C 82 29.13 -4.03 -22.03
C ARG C 82 28.50 -4.71 -23.23
N THR C 83 27.95 -5.92 -22.99
CA THR C 83 27.33 -6.69 -24.05
C THR C 83 26.24 -5.88 -24.75
N GLU C 84 25.41 -5.21 -23.95
CA GLU C 84 24.30 -4.44 -24.49
C GLU C 84 24.84 -3.24 -25.28
N VAL C 85 25.86 -2.58 -24.73
CA VAL C 85 26.46 -1.43 -25.38
C VAL C 85 26.98 -1.81 -26.76
N LEU C 86 27.69 -2.95 -26.85
CA LEU C 86 28.40 -3.32 -28.07
C LEU C 86 27.44 -3.75 -29.19
N LYS C 87 26.27 -4.28 -28.83
CA LYS C 87 25.19 -4.49 -29.78
C LYS C 87 24.95 -3.22 -30.58
N CYS C 88 25.14 -2.04 -29.95
CA CYS C 88 24.77 -0.76 -30.53
C CYS C 88 25.97 0.01 -31.08
N VAL C 89 27.16 -0.58 -31.05
CA VAL C 89 28.34 0.03 -31.65
C VAL C 89 28.47 -0.46 -33.09
N ASP C 90 28.62 0.49 -34.01
CA ASP C 90 28.82 0.21 -35.42
C ASP C 90 29.84 1.20 -35.96
N LYS C 91 30.09 1.13 -37.27
CA LYS C 91 31.08 1.98 -37.92
C LYS C 91 30.38 3.23 -38.47
N ASN C 92 31.20 4.24 -38.84
CA ASN C 92 30.73 5.49 -39.43
C ASN C 92 30.42 5.28 -40.91
N THR C 93 29.34 4.53 -41.19
CA THR C 93 29.13 4.01 -42.53
C THR C 93 28.76 5.11 -43.53
N ASP C 94 28.17 6.23 -43.08
CA ASP C 94 27.80 7.29 -44.01
C ASP C 94 28.60 8.57 -43.79
N ASN C 95 29.74 8.47 -43.09
CA ASN C 95 30.72 9.54 -42.93
C ASN C 95 30.03 10.79 -42.40
N ASN C 96 29.31 10.60 -41.29
CA ASN C 96 28.50 11.62 -40.66
C ASN C 96 28.50 11.34 -39.15
N ALA C 97 29.34 12.05 -38.40
CA ALA C 97 29.60 11.73 -37.01
C ALA C 97 28.37 12.02 -36.16
N CYS C 98 27.61 13.07 -36.53
CA CYS C 98 26.35 13.37 -35.90
C CYS C 98 25.40 12.18 -36.02
N HIS C 99 25.26 11.63 -37.24
CA HIS C 99 24.37 10.48 -37.45
C HIS C 99 24.90 9.26 -36.71
N TRP C 100 26.23 9.08 -36.72
CA TRP C 100 26.91 8.00 -36.01
C TRP C 100 26.52 7.97 -34.54
N ALA C 101 26.72 9.10 -33.86
CA ALA C 101 26.44 9.23 -32.45
C ALA C 101 24.95 8.95 -32.17
N PHE C 102 24.10 9.42 -33.09
CA PHE C 102 22.66 9.31 -32.91
C PHE C 102 22.19 7.85 -33.02
N ARG C 103 22.65 7.17 -34.07
CA ARG C 103 22.30 5.79 -34.37
C ARG C 103 22.53 4.92 -33.12
N GLY C 104 23.70 5.07 -32.49
CA GLY C 104 24.07 4.34 -31.30
C GLY C 104 23.12 4.61 -30.13
N PHE C 105 22.80 5.88 -29.92
CA PHE C 105 21.87 6.30 -28.89
C PHE C 105 20.48 5.70 -29.14
N LYS C 106 19.99 5.82 -30.38
CA LYS C 106 18.69 5.28 -30.75
C LYS C 106 18.64 3.77 -30.50
N CYS C 107 19.63 3.03 -31.04
CA CYS C 107 19.76 1.60 -30.86
C CYS C 107 19.60 1.22 -29.38
N PHE C 108 20.19 2.01 -28.49
CA PHE C 108 20.29 1.65 -27.08
C PHE C 108 19.03 2.07 -26.30
N GLN C 109 18.54 3.28 -26.55
CA GLN C 109 17.33 3.77 -25.90
C GLN C 109 16.15 2.85 -26.24
N LYS C 110 16.23 2.18 -27.40
CA LYS C 110 15.15 1.32 -27.85
C LYS C 110 14.76 0.35 -26.73
N ASN C 111 15.74 -0.37 -26.18
CA ASN C 111 15.45 -1.43 -25.23
C ASN C 111 15.97 -1.12 -23.83
N ASN C 112 16.72 -0.02 -23.65
CA ASN C 112 17.40 0.24 -22.39
C ASN C 112 17.28 1.71 -21.98
N LEU C 113 16.18 2.36 -22.37
CA LEU C 113 15.95 3.75 -22.02
C LEU C 113 15.99 3.92 -20.50
N SER C 114 15.45 2.93 -19.78
CA SER C 114 15.40 2.96 -18.34
C SER C 114 16.78 3.18 -17.74
N LEU C 115 17.78 2.52 -18.33
CA LEU C 115 19.12 2.52 -17.75
C LEU C 115 19.81 3.84 -18.06
N ILE C 116 19.50 4.43 -19.22
CA ILE C 116 20.02 5.73 -19.58
C ILE C 116 19.56 6.75 -18.55
N LYS C 117 18.24 6.80 -18.30
CA LYS C 117 17.72 7.74 -17.33
C LYS C 117 18.36 7.48 -15.98
N ALA C 118 18.45 6.20 -15.62
CA ALA C 118 18.95 5.77 -14.31
C ALA C 118 20.41 6.19 -14.11
N SER C 119 21.19 6.25 -15.20
CA SER C 119 22.61 6.55 -15.11
C SER C 119 22.87 8.01 -14.76
N ILE C 120 21.89 8.89 -15.04
CA ILE C 120 22.01 10.30 -14.70
C ILE C 120 21.56 10.50 -13.25
N LYS C 121 20.43 9.86 -12.89
CA LYS C 121 19.84 10.00 -11.57
C LYS C 121 20.73 9.33 -10.52
N PHE D 3 30.51 -34.29 -12.56
CA PHE D 3 29.39 -33.43 -13.06
C PHE D 3 29.12 -32.28 -12.08
N THR D 4 28.99 -31.07 -12.63
CA THR D 4 28.60 -29.93 -11.83
C THR D 4 27.34 -29.32 -12.42
N VAL D 5 26.51 -28.75 -11.54
CA VAL D 5 25.25 -28.16 -11.93
C VAL D 5 25.50 -26.93 -12.80
N SER D 6 24.60 -26.72 -13.77
CA SER D 6 24.62 -25.54 -14.61
C SER D 6 23.88 -24.40 -13.91
N THR D 7 24.50 -23.21 -13.95
CA THR D 7 23.90 -21.98 -13.48
C THR D 7 23.32 -21.22 -14.68
N THR D 8 22.67 -20.10 -14.40
CA THR D 8 22.20 -19.19 -15.42
C THR D 8 23.29 -18.81 -16.42
N GLU D 9 24.53 -18.66 -15.95
CA GLU D 9 25.63 -18.22 -16.80
C GLU D 9 26.11 -19.33 -17.73
N ASP D 10 26.19 -20.55 -17.20
CA ASP D 10 26.43 -21.74 -18.01
C ASP D 10 25.42 -21.82 -19.15
N LEU D 11 24.14 -21.62 -18.81
CA LEU D 11 23.06 -21.70 -19.78
C LEU D 11 23.27 -20.65 -20.87
N GLN D 12 23.59 -19.42 -20.46
CA GLN D 12 23.77 -18.36 -21.43
C GLN D 12 24.92 -18.71 -22.38
N ARG D 13 26.00 -19.25 -21.83
CA ARG D 13 27.16 -19.64 -22.61
C ARG D 13 26.81 -20.77 -23.58
N TYR D 14 26.03 -21.74 -23.09
CA TYR D 14 25.65 -22.87 -23.94
C TYR D 14 24.70 -22.38 -25.02
N ARG D 15 23.79 -21.45 -24.70
CA ARG D 15 22.92 -20.86 -25.70
C ARG D 15 23.73 -20.24 -26.83
N THR D 16 24.76 -19.46 -26.47
CA THR D 16 25.65 -18.83 -27.43
C THR D 16 26.28 -19.90 -28.31
N GLU D 17 26.85 -20.95 -27.71
CA GLU D 17 27.51 -21.98 -28.48
C GLU D 17 26.52 -22.63 -29.45
N CYS D 18 25.32 -22.97 -28.95
CA CYS D 18 24.32 -23.65 -29.76
C CYS D 18 23.78 -22.73 -30.86
N VAL D 19 23.66 -21.43 -30.60
CA VAL D 19 23.11 -20.52 -31.60
C VAL D 19 24.03 -20.51 -32.81
N SER D 20 25.34 -20.59 -32.58
CA SER D 20 26.31 -20.48 -33.66
C SER D 20 26.58 -21.84 -34.31
N SER D 21 26.57 -22.93 -33.53
CA SER D 21 26.80 -24.26 -34.09
C SER D 21 25.58 -24.76 -34.86
N LEU D 22 24.37 -24.30 -34.50
CA LEU D 22 23.16 -24.74 -35.18
C LEU D 22 22.69 -23.69 -36.19
N ASN D 23 23.28 -22.49 -36.18
CA ASN D 23 22.92 -21.40 -37.06
C ASN D 23 21.47 -20.97 -36.83
N ILE D 24 21.15 -20.69 -35.56
CA ILE D 24 19.79 -20.37 -35.17
C ILE D 24 19.44 -18.98 -35.70
N PRO D 25 18.30 -18.81 -36.41
CA PRO D 25 17.82 -17.49 -36.79
C PRO D 25 17.59 -16.54 -35.61
N ALA D 26 17.78 -15.25 -35.89
CA ALA D 26 17.80 -14.19 -34.88
C ALA D 26 16.48 -14.10 -34.13
N ASP D 27 15.37 -14.43 -34.78
CA ASP D 27 14.06 -14.37 -34.14
C ASP D 27 13.93 -15.50 -33.12
N TYR D 28 14.46 -16.68 -33.45
CA TYR D 28 14.48 -17.79 -32.52
C TYR D 28 15.34 -17.43 -31.31
N VAL D 29 16.43 -16.70 -31.55
CA VAL D 29 17.35 -16.38 -30.47
C VAL D 29 16.60 -15.58 -29.40
N GLU D 30 15.82 -14.59 -29.84
CA GLU D 30 15.15 -13.67 -28.94
C GLU D 30 14.14 -14.44 -28.09
N LYS D 31 13.48 -15.43 -28.69
CA LYS D 31 12.60 -16.32 -27.95
C LYS D 31 13.38 -17.15 -26.93
N PHE D 32 14.50 -17.76 -27.34
CA PHE D 32 15.24 -18.66 -26.46
C PHE D 32 15.78 -17.90 -25.25
N LYS D 33 16.16 -16.63 -25.47
CA LYS D 33 16.62 -15.75 -24.40
C LYS D 33 15.51 -15.53 -23.38
N LYS D 34 14.25 -15.48 -23.84
CA LYS D 34 13.10 -15.32 -22.96
C LYS D 34 12.59 -16.66 -22.44
N TRP D 35 13.31 -17.76 -22.72
CA TRP D 35 12.87 -19.09 -22.34
C TRP D 35 11.50 -19.44 -22.93
N GLU D 36 11.27 -19.05 -24.20
CA GLU D 36 10.08 -19.43 -24.95
C GLU D 36 10.48 -20.38 -26.06
N PHE D 37 9.85 -21.56 -26.09
CA PHE D 37 10.33 -22.68 -26.89
C PHE D 37 9.20 -23.23 -27.77
N PRO D 38 9.08 -22.77 -29.03
CA PRO D 38 8.11 -23.34 -29.97
C PRO D 38 8.39 -24.83 -30.18
N GLU D 39 7.36 -25.59 -30.56
CA GLU D 39 7.49 -27.04 -30.72
C GLU D 39 7.73 -27.34 -32.20
N ASP D 40 9.00 -27.20 -32.61
CA ASP D 40 9.40 -27.31 -34.01
C ASP D 40 10.86 -27.73 -34.07
N ASP D 41 11.37 -28.00 -35.28
CA ASP D 41 12.64 -28.70 -35.44
C ASP D 41 13.81 -27.81 -35.01
N THR D 42 13.74 -26.51 -35.33
CA THR D 42 14.77 -25.59 -34.91
C THR D 42 14.92 -25.68 -33.39
N THR D 43 13.79 -25.61 -32.69
CA THR D 43 13.79 -25.49 -31.24
C THR D 43 14.17 -26.82 -30.58
N MET D 44 13.67 -27.92 -31.16
CA MET D 44 13.89 -29.21 -30.56
C MET D 44 15.37 -29.57 -30.62
N CYS D 45 16.04 -29.24 -31.72
CA CYS D 45 17.48 -29.46 -31.81
C CYS D 45 18.26 -28.45 -30.95
N TYR D 46 17.73 -27.24 -30.75
CA TYR D 46 18.36 -26.32 -29.83
C TYR D 46 18.37 -26.92 -28.42
N ILE D 47 17.22 -27.43 -27.99
CA ILE D 47 17.11 -27.98 -26.65
C ILE D 47 18.05 -29.17 -26.48
N LYS D 48 18.08 -30.08 -27.48
CA LYS D 48 19.03 -31.18 -27.43
C LYS D 48 20.46 -30.65 -27.24
N CYS D 49 20.82 -29.61 -28.00
CA CYS D 49 22.16 -29.04 -27.94
C CYS D 49 22.48 -28.55 -26.54
N VAL D 50 21.56 -27.81 -25.93
CA VAL D 50 21.78 -27.23 -24.61
C VAL D 50 21.89 -28.35 -23.58
N PHE D 51 20.96 -29.30 -23.65
CA PHE D 51 20.95 -30.42 -22.73
C PHE D 51 22.21 -31.27 -22.92
N ASN D 52 22.71 -31.39 -24.15
CA ASN D 52 23.97 -32.07 -24.40
C ASN D 52 25.10 -31.38 -23.63
N LYS D 53 25.14 -30.04 -23.74
CA LYS D 53 26.20 -29.27 -23.12
C LYS D 53 26.10 -29.32 -21.60
N MET D 54 24.88 -29.40 -21.06
CA MET D 54 24.71 -29.41 -19.62
C MET D 54 24.89 -30.82 -19.05
N GLN D 55 25.19 -31.79 -19.92
CA GLN D 55 25.32 -33.20 -19.58
C GLN D 55 24.05 -33.72 -18.92
N LEU D 56 22.90 -33.34 -19.49
CA LEU D 56 21.62 -33.84 -19.03
C LEU D 56 21.02 -34.81 -20.05
N PHE D 57 21.65 -34.94 -21.22
CA PHE D 57 21.10 -35.76 -22.29
C PHE D 57 22.23 -36.17 -23.22
N ASP D 58 22.24 -37.47 -23.57
CA ASP D 58 23.20 -38.01 -24.51
C ASP D 58 22.41 -38.56 -25.70
N ASP D 59 22.96 -38.39 -26.90
CA ASP D 59 22.21 -38.68 -28.11
C ASP D 59 21.94 -40.19 -28.23
N THR D 60 22.82 -41.01 -27.66
CA THR D 60 22.68 -42.46 -27.66
C THR D 60 21.99 -42.94 -26.39
N GLU D 61 22.39 -42.41 -25.22
CA GLU D 61 21.89 -42.95 -23.97
C GLU D 61 20.56 -42.30 -23.60
N GLY D 62 20.34 -41.06 -24.07
CA GLY D 62 19.11 -40.35 -23.77
C GLY D 62 19.26 -39.53 -22.48
N PRO D 63 18.15 -39.20 -21.79
CA PRO D 63 18.23 -38.39 -20.57
C PRO D 63 19.19 -39.01 -19.55
N LEU D 64 20.04 -38.17 -18.96
CA LEU D 64 21.04 -38.61 -18.00
C LEU D 64 20.52 -38.37 -16.57
N VAL D 65 20.01 -39.45 -15.96
CA VAL D 65 19.15 -39.36 -14.78
C VAL D 65 19.91 -38.80 -13.58
N ASP D 66 21.11 -39.33 -13.27
CA ASP D 66 21.83 -38.86 -12.10
C ASP D 66 22.08 -37.36 -12.21
N ASN D 67 22.58 -36.94 -13.36
CA ASN D 67 22.90 -35.54 -13.60
C ASN D 67 21.62 -34.72 -13.50
N LEU D 68 20.53 -35.22 -14.09
CA LEU D 68 19.25 -34.53 -14.07
C LEU D 68 18.79 -34.29 -12.63
N VAL D 69 19.01 -35.29 -11.76
CA VAL D 69 18.58 -35.20 -10.37
C VAL D 69 19.39 -34.12 -9.64
N HIS D 70 20.71 -34.12 -9.82
CA HIS D 70 21.55 -33.08 -9.26
C HIS D 70 21.10 -31.70 -9.74
N GLN D 71 20.80 -31.57 -11.04
CA GLN D 71 20.45 -30.28 -11.60
C GLN D 71 19.10 -29.79 -11.07
N LEU D 72 18.12 -30.69 -11.04
CA LEU D 72 16.73 -30.31 -10.85
C LEU D 72 16.33 -30.30 -9.37
N ALA D 73 17.14 -30.89 -8.47
CA ALA D 73 16.71 -31.05 -7.08
C ALA D 73 16.58 -29.69 -6.41
N HIS D 74 17.59 -28.84 -6.58
CA HIS D 74 17.64 -27.54 -5.93
C HIS D 74 17.36 -27.70 -4.44
N GLY D 75 18.11 -28.59 -3.78
CA GLY D 75 18.01 -28.77 -2.34
C GLY D 75 16.94 -29.77 -1.89
N ARG D 76 16.05 -30.18 -2.80
CA ARG D 76 15.04 -31.19 -2.52
C ARG D 76 15.67 -32.58 -2.39
N ASP D 77 14.89 -33.52 -1.85
CA ASP D 77 15.34 -34.86 -1.56
C ASP D 77 15.58 -35.61 -2.87
N ALA D 78 16.79 -36.16 -3.03
CA ALA D 78 17.25 -36.78 -4.26
C ALA D 78 16.33 -37.93 -4.65
N GLU D 79 15.98 -38.76 -3.65
CA GLU D 79 15.18 -39.95 -3.88
C GLU D 79 13.87 -39.57 -4.55
N GLU D 80 13.18 -38.59 -3.95
CA GLU D 80 11.89 -38.12 -4.44
C GLU D 80 12.02 -37.51 -5.83
N VAL D 81 13.11 -36.77 -6.07
CA VAL D 81 13.31 -36.10 -7.36
C VAL D 81 13.60 -37.16 -8.43
N ARG D 82 14.43 -38.15 -8.10
CA ARG D 82 14.78 -39.20 -9.04
C ARG D 82 13.55 -39.97 -9.52
N THR D 83 12.56 -40.19 -8.64
CA THR D 83 11.40 -40.96 -9.05
C THR D 83 10.53 -40.14 -9.99
N GLU D 84 10.53 -38.80 -9.83
CA GLU D 84 9.83 -37.94 -10.77
C GLU D 84 10.54 -37.89 -12.12
N VAL D 85 11.87 -37.82 -12.09
CA VAL D 85 12.65 -37.77 -13.33
C VAL D 85 12.42 -39.08 -14.10
N LEU D 86 12.67 -40.20 -13.43
CA LEU D 86 12.56 -41.52 -14.04
C LEU D 86 11.22 -41.69 -14.77
N LYS D 87 10.15 -41.12 -14.20
CA LYS D 87 8.85 -41.18 -14.86
C LYS D 87 8.90 -40.51 -16.22
N CYS D 88 9.83 -39.55 -16.41
CA CYS D 88 9.89 -38.80 -17.65
C CYS D 88 10.79 -39.49 -18.68
N VAL D 89 11.53 -40.51 -18.28
CA VAL D 89 12.47 -41.18 -19.17
C VAL D 89 11.72 -42.13 -20.09
N ASP D 90 11.99 -42.03 -21.39
CA ASP D 90 11.41 -42.89 -22.41
C ASP D 90 12.50 -43.26 -23.41
N LYS D 91 12.15 -44.10 -24.40
CA LYS D 91 13.09 -44.59 -25.40
C LYS D 91 13.04 -43.70 -26.64
N ASN D 92 14.10 -43.79 -27.46
CA ASN D 92 14.20 -42.99 -28.67
C ASN D 92 13.39 -43.66 -29.78
N THR D 93 12.07 -43.65 -29.62
CA THR D 93 11.18 -44.53 -30.36
C THR D 93 11.10 -44.14 -31.83
N ASP D 94 11.33 -42.86 -32.17
CA ASP D 94 11.28 -42.44 -33.57
C ASP D 94 12.69 -42.15 -34.12
N ASN D 95 13.73 -42.50 -33.36
CA ASN D 95 15.10 -42.40 -33.81
C ASN D 95 15.44 -40.94 -34.15
N ASN D 96 14.93 -40.01 -33.35
CA ASN D 96 15.19 -38.60 -33.50
C ASN D 96 15.58 -38.03 -32.13
N ALA D 97 16.86 -37.77 -31.93
CA ALA D 97 17.40 -37.40 -30.63
C ALA D 97 16.88 -36.01 -30.22
N CYS D 98 16.56 -35.17 -31.21
CA CYS D 98 15.98 -33.87 -30.97
C CYS D 98 14.58 -34.01 -30.36
N HIS D 99 13.73 -34.84 -30.98
CA HIS D 99 12.43 -35.18 -30.40
C HIS D 99 12.62 -35.76 -29.01
N TRP D 100 13.54 -36.71 -28.89
CA TRP D 100 13.81 -37.38 -27.64
C TRP D 100 14.10 -36.37 -26.51
N ALA D 101 15.02 -35.43 -26.76
CA ALA D 101 15.42 -34.46 -25.74
C ALA D 101 14.23 -33.59 -25.35
N PHE D 102 13.45 -33.22 -26.36
CA PHE D 102 12.39 -32.24 -26.19
C PHE D 102 11.23 -32.83 -25.40
N ARG D 103 10.92 -34.11 -25.65
CA ARG D 103 9.90 -34.85 -24.93
C ARG D 103 10.23 -34.85 -23.43
N GLY D 104 11.50 -35.12 -23.10
CA GLY D 104 11.99 -35.04 -21.74
C GLY D 104 11.75 -33.66 -21.12
N PHE D 105 12.16 -32.62 -21.85
CA PHE D 105 11.99 -31.23 -21.45
C PHE D 105 10.52 -30.94 -21.13
N LYS D 106 9.61 -31.34 -22.03
CA LYS D 106 8.19 -31.10 -21.85
C LYS D 106 7.73 -31.74 -20.54
N CYS D 107 8.23 -32.94 -20.28
CA CYS D 107 7.84 -33.71 -19.13
C CYS D 107 8.30 -33.01 -17.85
N PHE D 108 9.54 -32.50 -17.84
CA PHE D 108 10.04 -31.73 -16.71
C PHE D 108 9.17 -30.49 -16.49
N GLN D 109 8.84 -29.78 -17.58
CA GLN D 109 7.98 -28.60 -17.49
C GLN D 109 6.63 -28.97 -16.87
N LYS D 110 6.00 -30.03 -17.41
CA LYS D 110 4.72 -30.51 -16.90
C LYS D 110 4.78 -30.61 -15.38
N ASN D 111 5.85 -31.23 -14.87
CA ASN D 111 5.93 -31.59 -13.47
C ASN D 111 6.66 -30.53 -12.66
N ASN D 112 6.70 -29.30 -13.20
CA ASN D 112 7.21 -28.14 -12.50
C ASN D 112 8.62 -28.42 -11.96
N LEU D 113 9.44 -29.03 -12.82
CA LEU D 113 10.86 -29.19 -12.54
C LEU D 113 11.61 -28.19 -13.41
N SER D 114 12.49 -27.41 -12.76
CA SER D 114 13.17 -26.30 -13.41
C SER D 114 14.66 -26.59 -13.46
N LEU D 115 15.28 -26.27 -14.60
CA LEU D 115 16.73 -26.28 -14.74
C LEU D 115 17.32 -25.31 -13.72
N ILE D 116 16.65 -24.17 -13.59
CA ILE D 116 17.20 -22.97 -12.95
C ILE D 116 16.21 -22.51 -11.91
N LYS D 117 16.71 -22.26 -10.69
CA LYS D 117 15.89 -21.84 -9.58
C LYS D 117 16.71 -20.92 -8.68
N ALA D 118 16.09 -19.82 -8.22
CA ALA D 118 16.69 -18.97 -7.22
C ALA D 118 17.04 -19.82 -6.01
N SER D 119 18.17 -19.49 -5.38
CA SER D 119 18.65 -20.17 -4.19
C SER D 119 18.93 -19.13 -3.10
N ILE D 120 18.39 -19.36 -1.91
CA ILE D 120 18.60 -18.44 -0.80
C ILE D 120 19.67 -19.04 0.13
N LYS D 121 20.68 -18.24 0.46
CA LYS D 121 21.86 -18.71 1.16
C LYS D 121 21.89 -18.11 2.57
N LYS D 122 22.48 -18.87 3.52
CA LYS D 122 22.59 -18.42 4.91
C LYS D 122 23.88 -17.59 5.07
N GLU E 2 -2.65 -1.10 -18.02
CA GLU E 2 -2.47 -2.56 -17.81
C GLU E 2 -1.09 -2.81 -17.19
N PHE E 3 -0.91 -3.98 -16.56
CA PHE E 3 0.39 -4.50 -16.07
C PHE E 3 0.91 -5.54 -17.06
N THR E 4 2.22 -5.54 -17.33
CA THR E 4 2.81 -6.56 -18.19
C THR E 4 3.82 -7.36 -17.38
N VAL E 5 3.89 -8.67 -17.66
CA VAL E 5 4.82 -9.55 -17.00
C VAL E 5 6.24 -9.19 -17.45
N SER E 6 7.19 -9.42 -16.53
CA SER E 6 8.61 -9.27 -16.82
C SER E 6 9.15 -10.56 -17.42
N THR E 7 10.10 -10.41 -18.36
CA THR E 7 10.87 -11.50 -18.94
C THR E 7 12.30 -11.48 -18.39
N THR E 8 13.11 -12.43 -18.86
CA THR E 8 14.52 -12.49 -18.52
C THR E 8 15.23 -11.19 -18.87
N GLU E 9 14.82 -10.56 -19.99
CA GLU E 9 15.48 -9.35 -20.47
C GLU E 9 15.20 -8.18 -19.54
N ASP E 10 13.96 -8.13 -19.05
CA ASP E 10 13.55 -7.13 -18.08
C ASP E 10 14.37 -7.30 -16.80
N LEU E 11 14.52 -8.56 -16.35
CA LEU E 11 15.23 -8.86 -15.12
C LEU E 11 16.70 -8.43 -15.22
N GLN E 12 17.38 -8.78 -16.33
CA GLN E 12 18.76 -8.36 -16.48
C GLN E 12 18.86 -6.84 -16.40
N ARG E 13 17.96 -6.13 -17.07
CA ARG E 13 17.97 -4.68 -17.04
C ARG E 13 17.74 -4.17 -15.62
N TYR E 14 16.72 -4.70 -14.94
CA TYR E 14 16.40 -4.24 -13.60
C TYR E 14 17.60 -4.51 -12.71
N ARG E 15 18.19 -5.71 -12.85
CA ARG E 15 19.39 -6.05 -12.11
C ARG E 15 20.44 -4.96 -12.29
N THR E 16 20.69 -4.55 -13.54
CA THR E 16 21.73 -3.55 -13.80
C THR E 16 21.42 -2.25 -13.08
N GLU E 17 20.18 -1.76 -13.24
CA GLU E 17 19.74 -0.53 -12.59
C GLU E 17 19.92 -0.63 -11.08
N CYS E 18 19.48 -1.75 -10.51
CA CYS E 18 19.46 -1.90 -9.05
C CYS E 18 20.87 -2.02 -8.47
N VAL E 19 21.77 -2.68 -9.20
CA VAL E 19 23.16 -2.80 -8.79
C VAL E 19 23.81 -1.41 -8.72
N SER E 20 23.48 -0.56 -9.70
CA SER E 20 23.98 0.80 -9.76
C SER E 20 23.49 1.63 -8.58
N SER E 21 22.16 1.75 -8.43
CA SER E 21 21.61 2.68 -7.46
C SER E 21 21.92 2.23 -6.03
N LEU E 22 22.05 0.92 -5.79
CA LEU E 22 22.32 0.44 -4.44
C LEU E 22 23.81 0.25 -4.21
N ASN E 23 24.63 0.52 -5.23
CA ASN E 23 26.08 0.42 -5.08
C ASN E 23 26.46 -0.98 -4.59
N ILE E 24 25.92 -2.02 -5.25
CA ILE E 24 26.10 -3.40 -4.81
C ILE E 24 27.55 -3.81 -5.06
N PRO E 25 28.26 -4.38 -4.06
CA PRO E 25 29.62 -4.92 -4.26
C PRO E 25 29.71 -6.09 -5.24
N ALA E 26 30.91 -6.28 -5.81
CA ALA E 26 31.10 -7.10 -6.99
C ALA E 26 30.79 -8.58 -6.71
N ASP E 27 31.14 -9.07 -5.50
CA ASP E 27 30.90 -10.46 -5.16
C ASP E 27 29.39 -10.74 -5.11
N TYR E 28 28.62 -9.77 -4.62
CA TYR E 28 27.17 -9.87 -4.59
C TYR E 28 26.61 -9.96 -6.01
N VAL E 29 27.09 -9.10 -6.89
CA VAL E 29 26.63 -9.07 -8.27
C VAL E 29 26.80 -10.44 -8.90
N GLU E 30 27.91 -11.13 -8.63
CA GLU E 30 28.18 -12.40 -9.26
C GLU E 30 27.13 -13.43 -8.83
N LYS E 31 26.73 -13.38 -7.56
CA LYS E 31 25.73 -14.29 -7.02
C LYS E 31 24.36 -13.98 -7.62
N PHE E 32 24.03 -12.69 -7.71
CA PHE E 32 22.73 -12.28 -8.23
C PHE E 32 22.56 -12.72 -9.68
N LYS E 33 23.64 -12.71 -10.46
CA LYS E 33 23.59 -13.16 -11.84
C LYS E 33 23.23 -14.64 -11.91
N LYS E 34 23.66 -15.41 -10.89
CA LYS E 34 23.40 -16.84 -10.81
C LYS E 34 22.15 -17.15 -9.99
N TRP E 35 21.36 -16.12 -9.67
CA TRP E 35 20.19 -16.20 -8.82
C TRP E 35 20.52 -16.80 -7.46
N GLU E 36 21.65 -16.39 -6.88
CA GLU E 36 22.00 -16.80 -5.52
C GLU E 36 21.84 -15.58 -4.62
N PHE E 37 21.08 -15.73 -3.52
CA PHE E 37 20.67 -14.60 -2.73
C PHE E 37 20.94 -14.86 -1.25
N PRO E 38 22.08 -14.37 -0.70
CA PRO E 38 22.33 -14.44 0.74
C PRO E 38 21.28 -13.63 1.49
N GLU E 39 20.85 -14.13 2.64
CA GLU E 39 19.86 -13.45 3.46
C GLU E 39 20.56 -12.40 4.33
N ASP E 40 20.82 -11.23 3.74
CA ASP E 40 21.34 -10.07 4.46
C ASP E 40 20.74 -8.81 3.85
N ASP E 41 20.99 -7.66 4.48
CA ASP E 41 20.32 -6.42 4.14
C ASP E 41 20.67 -5.99 2.71
N THR E 42 21.92 -6.19 2.30
CA THR E 42 22.35 -5.83 0.95
C THR E 42 21.49 -6.54 -0.10
N THR E 43 21.29 -7.84 0.08
CA THR E 43 20.53 -8.64 -0.86
C THR E 43 19.04 -8.28 -0.77
N MET E 44 18.58 -8.03 0.45
CA MET E 44 17.15 -7.83 0.67
C MET E 44 16.71 -6.55 0.00
N CYS E 45 17.54 -5.50 0.07
CA CYS E 45 17.23 -4.27 -0.63
C CYS E 45 17.39 -4.42 -2.13
N TYR E 46 18.22 -5.36 -2.60
CA TYR E 46 18.30 -5.63 -4.03
C TYR E 46 17.01 -6.26 -4.54
N ILE E 47 16.48 -7.23 -3.80
CA ILE E 47 15.26 -7.91 -4.19
C ILE E 47 14.09 -6.91 -4.17
N LYS E 48 14.00 -6.09 -3.12
CA LYS E 48 12.98 -5.05 -3.08
C LYS E 48 13.09 -4.23 -4.36
N CYS E 49 14.32 -3.76 -4.65
CA CYS E 49 14.55 -2.92 -5.82
C CYS E 49 14.07 -3.61 -7.10
N VAL E 50 14.44 -4.88 -7.29
CA VAL E 50 14.03 -5.60 -8.48
C VAL E 50 12.50 -5.75 -8.50
N PHE E 51 11.91 -6.12 -7.36
CA PHE E 51 10.47 -6.31 -7.28
C PHE E 51 9.74 -4.98 -7.49
N ASN E 52 10.29 -3.86 -6.99
CA ASN E 52 9.72 -2.55 -7.27
C ASN E 52 9.62 -2.34 -8.78
N LYS E 53 10.73 -2.59 -9.49
CA LYS E 53 10.77 -2.30 -10.93
C LYS E 53 9.82 -3.21 -11.69
N MET E 54 9.63 -4.44 -11.21
CA MET E 54 8.70 -5.37 -11.86
C MET E 54 7.25 -5.08 -11.50
N GLN E 55 7.01 -4.09 -10.64
CA GLN E 55 5.68 -3.76 -10.12
C GLN E 55 5.06 -4.96 -9.41
N LEU E 56 5.89 -5.72 -8.67
CA LEU E 56 5.42 -6.81 -7.83
C LEU E 56 5.39 -6.40 -6.37
N PHE E 57 5.94 -5.23 -6.07
CA PHE E 57 6.08 -4.80 -4.68
C PHE E 57 6.10 -3.29 -4.66
N ASP E 58 5.44 -2.71 -3.65
CA ASP E 58 5.44 -1.27 -3.41
C ASP E 58 5.85 -1.08 -1.95
N ASP E 59 6.66 -0.05 -1.70
CA ASP E 59 7.24 0.16 -0.39
C ASP E 59 6.16 0.53 0.63
N THR E 60 5.03 1.07 0.17
CA THR E 60 3.94 1.39 1.06
C THR E 60 2.94 0.24 1.15
N GLU E 61 2.43 -0.21 0.00
CA GLU E 61 1.37 -1.20 -0.04
C GLU E 61 1.91 -2.60 0.25
N GLY E 62 3.19 -2.85 -0.02
CA GLY E 62 3.79 -4.16 0.18
C GLY E 62 3.67 -5.03 -1.07
N PRO E 63 3.66 -6.38 -0.95
CA PRO E 63 3.55 -7.23 -2.12
C PRO E 63 2.27 -6.86 -2.88
N LEU E 64 2.37 -6.84 -4.22
CA LEU E 64 1.25 -6.43 -5.05
C LEU E 64 0.61 -7.69 -5.64
N VAL E 65 -0.53 -8.11 -5.04
CA VAL E 65 -0.98 -9.48 -5.16
C VAL E 65 -1.43 -9.79 -6.59
N ASP E 66 -2.23 -8.91 -7.18
CA ASP E 66 -2.77 -9.19 -8.51
C ASP E 66 -1.63 -9.27 -9.51
N ASN E 67 -0.64 -8.39 -9.38
CA ASN E 67 0.49 -8.39 -10.29
C ASN E 67 1.30 -9.66 -10.08
N LEU E 68 1.49 -10.07 -8.82
CA LEU E 68 2.23 -11.27 -8.50
C LEU E 68 1.56 -12.50 -9.10
N VAL E 69 0.22 -12.53 -9.05
CA VAL E 69 -0.53 -13.65 -9.64
C VAL E 69 -0.27 -13.69 -11.14
N HIS E 70 -0.28 -12.52 -11.80
CA HIS E 70 -0.08 -12.46 -13.25
C HIS E 70 1.31 -12.99 -13.62
N GLN E 71 2.32 -12.60 -12.83
CA GLN E 71 3.71 -12.95 -13.10
C GLN E 71 3.97 -14.43 -12.79
N LEU E 72 3.39 -14.92 -11.69
CA LEU E 72 3.76 -16.23 -11.17
C LEU E 72 2.86 -17.33 -11.75
N ALA E 73 1.72 -16.99 -12.35
CA ALA E 73 0.78 -18.00 -12.79
C ALA E 73 1.42 -18.90 -13.85
N HIS E 74 2.00 -18.28 -14.88
CA HIS E 74 2.52 -19.02 -16.02
C HIS E 74 1.49 -20.05 -16.50
N GLY E 75 0.23 -19.62 -16.66
CA GLY E 75 -0.80 -20.45 -17.27
C GLY E 75 -1.72 -21.16 -16.27
N ARG E 76 -1.31 -21.28 -15.00
CA ARG E 76 -2.13 -21.93 -13.99
C ARG E 76 -3.34 -21.09 -13.64
N ASP E 77 -4.33 -21.74 -13.01
CA ASP E 77 -5.55 -21.11 -12.57
C ASP E 77 -5.25 -19.97 -11.60
N ALA E 78 -5.83 -18.80 -11.89
CA ALA E 78 -5.51 -17.56 -11.19
C ALA E 78 -5.89 -17.65 -9.70
N GLU E 79 -7.04 -18.24 -9.39
CA GLU E 79 -7.47 -18.27 -8.00
C GLU E 79 -6.58 -19.24 -7.22
N GLU E 80 -6.19 -20.32 -7.89
CA GLU E 80 -5.25 -21.29 -7.36
C GLU E 80 -3.94 -20.59 -6.96
N VAL E 81 -3.38 -19.80 -7.89
CA VAL E 81 -2.12 -19.12 -7.67
C VAL E 81 -2.32 -18.06 -6.59
N ARG E 82 -3.46 -17.39 -6.63
CA ARG E 82 -3.77 -16.34 -5.66
C ARG E 82 -3.74 -16.92 -4.25
N THR E 83 -4.37 -18.09 -4.08
CA THR E 83 -4.36 -18.76 -2.78
C THR E 83 -2.92 -18.92 -2.28
N GLU E 84 -2.01 -19.40 -3.15
CA GLU E 84 -0.64 -19.64 -2.73
C GLU E 84 0.05 -18.31 -2.43
N VAL E 85 -0.15 -17.32 -3.31
CA VAL E 85 0.46 -16.01 -3.14
C VAL E 85 0.02 -15.40 -1.81
N LEU E 86 -1.27 -15.47 -1.52
CA LEU E 86 -1.84 -14.85 -0.33
C LEU E 86 -1.23 -15.44 0.94
N LYS E 87 -0.97 -16.74 0.93
CA LYS E 87 -0.32 -17.40 2.06
C LYS E 87 1.05 -16.78 2.32
N CYS E 88 1.66 -16.19 1.29
CA CYS E 88 3.00 -15.63 1.43
C CYS E 88 3.00 -14.15 1.81
N VAL E 89 1.86 -13.47 1.65
CA VAL E 89 1.75 -12.05 1.96
C VAL E 89 1.55 -11.91 3.47
N ASP E 90 2.34 -11.01 4.07
CA ASP E 90 2.17 -10.65 5.47
C ASP E 90 2.20 -9.12 5.56
N LYS E 91 2.16 -8.60 6.79
CA LYS E 91 2.26 -7.17 7.03
C LYS E 91 3.71 -6.76 7.24
N ASN E 92 3.95 -5.46 7.22
CA ASN E 92 5.29 -4.89 7.36
C ASN E 92 5.66 -4.81 8.84
N THR E 93 5.86 -5.95 9.49
CA THR E 93 5.90 -6.03 10.94
C THR E 93 7.10 -5.27 11.50
N ASP E 94 8.24 -5.22 10.78
CA ASP E 94 9.41 -4.51 11.30
C ASP E 94 9.67 -3.20 10.58
N ASN E 95 8.69 -2.71 9.79
CA ASN E 95 8.75 -1.40 9.17
C ASN E 95 10.05 -1.27 8.38
N ASN E 96 10.38 -2.32 7.62
CA ASN E 96 11.56 -2.34 6.77
C ASN E 96 11.18 -3.01 5.46
N ALA E 97 11.00 -2.20 4.42
CA ALA E 97 10.40 -2.65 3.17
C ALA E 97 11.28 -3.70 2.50
N CYS E 98 12.60 -3.64 2.77
CA CYS E 98 13.57 -4.58 2.21
C CYS E 98 13.36 -5.97 2.82
N HIS E 99 13.22 -6.03 4.15
CA HIS E 99 12.89 -7.26 4.84
C HIS E 99 11.55 -7.81 4.33
N TRP E 100 10.59 -6.91 4.13
CA TRP E 100 9.24 -7.23 3.72
C TRP E 100 9.24 -7.91 2.36
N ALA E 101 9.96 -7.32 1.41
CA ALA E 101 10.01 -7.87 0.07
C ALA E 101 10.66 -9.25 0.11
N PHE E 102 11.72 -9.40 0.92
CA PHE E 102 12.51 -10.62 0.88
C PHE E 102 11.73 -11.77 1.49
N ARG E 103 10.90 -11.46 2.51
CA ARG E 103 10.09 -12.44 3.20
C ARG E 103 9.11 -13.08 2.22
N GLY E 104 8.44 -12.24 1.41
CA GLY E 104 7.61 -12.73 0.32
C GLY E 104 8.39 -13.61 -0.64
N PHE E 105 9.57 -13.13 -1.07
CA PHE E 105 10.40 -13.82 -2.04
C PHE E 105 10.75 -15.23 -1.55
N LYS E 106 11.24 -15.28 -0.30
CA LYS E 106 11.61 -16.51 0.36
C LYS E 106 10.43 -17.48 0.33
N CYS E 107 9.23 -16.98 0.65
CA CYS E 107 8.03 -17.78 0.69
C CYS E 107 7.66 -18.27 -0.70
N PHE E 108 7.68 -17.39 -1.72
CA PHE E 108 7.40 -17.82 -3.09
C PHE E 108 8.31 -19.00 -3.47
N GLN E 109 9.58 -18.91 -3.06
CA GLN E 109 10.56 -19.93 -3.40
C GLN E 109 10.22 -21.25 -2.70
N LYS E 110 9.91 -21.16 -1.40
CA LYS E 110 9.47 -22.30 -0.61
C LYS E 110 8.33 -23.03 -1.31
N ASN E 111 7.43 -22.29 -1.99
CA ASN E 111 6.23 -22.86 -2.58
C ASN E 111 6.36 -23.05 -4.09
N ASN E 112 7.61 -23.00 -4.59
CA ASN E 112 7.92 -23.30 -5.99
C ASN E 112 7.20 -22.35 -6.93
N LEU E 113 6.99 -21.10 -6.50
CA LEU E 113 6.50 -20.06 -7.36
C LEU E 113 7.68 -19.29 -7.93
N SER E 114 7.82 -19.31 -9.26
CA SER E 114 8.97 -18.73 -9.94
C SER E 114 8.55 -17.48 -10.70
N LEU E 115 9.44 -16.46 -10.70
CA LEU E 115 9.21 -15.27 -11.50
C LEU E 115 9.26 -15.63 -12.98
N ILE E 116 10.34 -16.33 -13.36
CA ILE E 116 10.61 -16.71 -14.74
C ILE E 116 10.46 -18.22 -14.87
N LYS E 117 9.63 -18.66 -15.83
CA LYS E 117 9.43 -20.07 -16.13
C LYS E 117 9.54 -20.27 -17.64
N ALA E 118 10.27 -21.31 -18.06
CA ALA E 118 10.20 -21.77 -19.44
C ALA E 118 8.74 -22.02 -19.79
N SER E 119 8.39 -21.72 -21.04
CA SER E 119 7.08 -22.10 -21.56
C SER E 119 7.23 -22.68 -22.96
N ILE E 120 6.43 -23.70 -23.25
CA ILE E 120 6.44 -24.35 -24.54
C ILE E 120 5.24 -23.84 -25.34
N LYS E 121 5.48 -23.47 -26.60
CA LYS E 121 4.44 -23.06 -27.52
C LYS E 121 4.05 -24.25 -28.41
N LYS E 122 2.76 -24.31 -28.81
CA LYS E 122 2.21 -25.45 -29.54
C LYS E 122 2.91 -25.58 -30.91
N PHE F 3 -14.50 -44.28 -0.51
CA PHE F 3 -14.82 -43.44 -1.71
C PHE F 3 -13.86 -42.26 -1.81
N THR F 4 -13.25 -42.09 -2.99
CA THR F 4 -12.41 -40.95 -3.26
C THR F 4 -13.07 -40.09 -4.33
N VAL F 5 -12.87 -38.77 -4.25
CA VAL F 5 -13.43 -37.84 -5.21
C VAL F 5 -12.77 -38.10 -6.56
N SER F 6 -13.51 -37.87 -7.64
CA SER F 6 -13.00 -38.06 -8.99
C SER F 6 -12.38 -36.77 -9.52
N THR F 7 -11.12 -36.86 -9.95
CA THR F 7 -10.40 -35.75 -10.54
C THR F 7 -10.75 -35.70 -12.03
N THR F 8 -10.09 -34.81 -12.78
CA THR F 8 -10.31 -34.73 -14.22
C THR F 8 -9.67 -35.96 -14.88
N GLU F 9 -8.46 -36.31 -14.45
CA GLU F 9 -7.76 -37.47 -14.97
C GLU F 9 -8.60 -38.74 -14.77
N ASP F 10 -9.22 -38.88 -13.60
CA ASP F 10 -10.10 -40.01 -13.35
C ASP F 10 -11.20 -40.02 -14.41
N LEU F 11 -11.82 -38.86 -14.62
CA LEU F 11 -13.01 -38.73 -15.44
C LEU F 11 -12.68 -38.93 -16.91
N GLN F 12 -11.53 -38.41 -17.35
CA GLN F 12 -11.11 -38.55 -18.73
C GLN F 12 -11.08 -40.02 -19.11
N ARG F 13 -10.51 -40.82 -18.21
CA ARG F 13 -10.38 -42.25 -18.38
C ARG F 13 -11.76 -42.90 -18.38
N TYR F 14 -12.60 -42.54 -17.40
CA TYR F 14 -13.91 -43.14 -17.29
C TYR F 14 -14.66 -42.93 -18.61
N ARG F 15 -14.64 -41.69 -19.11
CA ARG F 15 -15.29 -41.33 -20.36
C ARG F 15 -14.90 -42.28 -21.50
N THR F 16 -13.58 -42.49 -21.66
CA THR F 16 -13.03 -43.21 -22.79
C THR F 16 -13.31 -44.70 -22.63
N GLU F 17 -13.24 -45.20 -21.39
CA GLU F 17 -13.56 -46.59 -21.12
C GLU F 17 -15.03 -46.90 -21.45
N CYS F 18 -15.94 -45.99 -21.07
CA CYS F 18 -17.37 -46.18 -21.27
C CYS F 18 -17.72 -46.05 -22.75
N VAL F 19 -17.03 -45.14 -23.44
CA VAL F 19 -17.21 -44.96 -24.88
C VAL F 19 -16.85 -46.27 -25.59
N SER F 20 -15.74 -46.87 -25.18
CA SER F 20 -15.24 -48.10 -25.79
C SER F 20 -16.14 -49.30 -25.47
N SER F 21 -16.48 -49.52 -24.20
CA SER F 21 -17.24 -50.69 -23.79
C SER F 21 -18.68 -50.63 -24.31
N LEU F 22 -19.28 -49.43 -24.36
CA LEU F 22 -20.64 -49.29 -24.87
C LEU F 22 -20.62 -48.97 -26.37
N ASN F 23 -19.42 -48.79 -26.96
CA ASN F 23 -19.31 -48.63 -28.40
C ASN F 23 -20.07 -47.39 -28.85
N ILE F 24 -19.81 -46.25 -28.18
CA ILE F 24 -20.64 -45.08 -28.39
C ILE F 24 -20.19 -44.35 -29.67
N PRO F 25 -21.12 -43.99 -30.59
CA PRO F 25 -20.78 -43.22 -31.79
C PRO F 25 -20.24 -41.82 -31.54
N ALA F 26 -19.30 -41.39 -32.38
CA ALA F 26 -18.54 -40.16 -32.20
C ALA F 26 -19.50 -38.97 -32.05
N ASP F 27 -20.57 -39.01 -32.85
CA ASP F 27 -21.65 -38.05 -32.79
C ASP F 27 -21.94 -37.71 -31.32
N TYR F 28 -22.22 -38.76 -30.53
CA TYR F 28 -22.62 -38.60 -29.14
C TYR F 28 -21.49 -38.03 -28.30
N VAL F 29 -20.27 -38.54 -28.51
CA VAL F 29 -19.11 -38.12 -27.75
C VAL F 29 -18.97 -36.60 -27.85
N GLU F 30 -19.12 -36.07 -29.06
CA GLU F 30 -18.91 -34.64 -29.30
C GLU F 30 -19.97 -33.86 -28.51
N LYS F 31 -21.21 -34.37 -28.48
CA LYS F 31 -22.28 -33.76 -27.71
C LYS F 31 -21.99 -33.78 -26.21
N PHE F 32 -21.45 -34.90 -25.69
CA PHE F 32 -21.17 -35.03 -24.27
C PHE F 32 -20.16 -33.96 -23.83
N LYS F 33 -19.21 -33.64 -24.71
CA LYS F 33 -18.17 -32.66 -24.37
C LYS F 33 -18.74 -31.26 -24.32
N LYS F 34 -19.88 -31.03 -24.96
CA LYS F 34 -20.59 -29.75 -24.91
C LYS F 34 -21.73 -29.82 -23.89
N TRP F 35 -21.67 -30.82 -23.00
CA TRP F 35 -22.65 -31.03 -21.95
C TRP F 35 -24.06 -31.07 -22.53
N GLU F 36 -24.19 -31.74 -23.69
CA GLU F 36 -25.48 -32.04 -24.27
C GLU F 36 -25.69 -33.55 -24.16
N PHE F 37 -26.84 -33.95 -23.63
CA PHE F 37 -27.15 -35.34 -23.38
C PHE F 37 -28.54 -35.64 -23.93
N PRO F 38 -28.65 -36.18 -25.17
CA PRO F 38 -29.93 -36.60 -25.73
C PRO F 38 -30.65 -37.59 -24.83
N GLU F 39 -31.99 -37.59 -24.89
CA GLU F 39 -32.79 -38.50 -24.09
C GLU F 39 -33.05 -39.77 -24.89
N ASP F 40 -32.00 -40.61 -24.98
CA ASP F 40 -32.08 -41.92 -25.62
C ASP F 40 -31.18 -42.89 -24.84
N ASP F 41 -31.26 -44.19 -25.17
CA ASP F 41 -30.64 -45.20 -24.32
C ASP F 41 -29.11 -45.17 -24.45
N THR F 42 -28.60 -44.75 -25.60
CA THR F 42 -27.16 -44.64 -25.79
C THR F 42 -26.57 -43.69 -24.75
N THR F 43 -27.21 -42.53 -24.57
CA THR F 43 -26.76 -41.56 -23.60
C THR F 43 -27.00 -42.07 -22.18
N MET F 44 -28.17 -42.65 -21.94
CA MET F 44 -28.54 -42.99 -20.58
C MET F 44 -27.54 -43.99 -20.03
N CYS F 45 -27.14 -44.97 -20.84
CA CYS F 45 -26.26 -46.01 -20.36
C CYS F 45 -24.83 -45.50 -20.24
N TYR F 46 -24.50 -44.50 -21.03
CA TYR F 46 -23.22 -43.81 -20.88
C TYR F 46 -23.12 -43.20 -19.48
N ILE F 47 -24.14 -42.43 -19.10
CA ILE F 47 -24.12 -41.74 -17.83
C ILE F 47 -24.07 -42.78 -16.70
N LYS F 48 -24.83 -43.87 -16.84
CA LYS F 48 -24.84 -44.89 -15.80
C LYS F 48 -23.42 -45.43 -15.65
N CYS F 49 -22.76 -45.67 -16.79
CA CYS F 49 -21.42 -46.26 -16.80
C CYS F 49 -20.41 -45.34 -16.11
N VAL F 50 -20.45 -44.04 -16.44
CA VAL F 50 -19.56 -43.08 -15.82
C VAL F 50 -19.86 -42.99 -14.32
N PHE F 51 -21.16 -42.97 -13.96
CA PHE F 51 -21.53 -42.84 -12.56
C PHE F 51 -21.11 -44.08 -11.76
N ASN F 52 -21.29 -45.26 -12.38
CA ASN F 52 -20.79 -46.50 -11.82
C ASN F 52 -19.31 -46.39 -11.49
N LYS F 53 -18.51 -45.90 -12.44
CA LYS F 53 -17.06 -45.85 -12.29
C LYS F 53 -16.65 -44.86 -11.20
N MET F 54 -17.39 -43.76 -11.05
CA MET F 54 -17.10 -42.74 -10.06
C MET F 54 -17.71 -43.10 -8.70
N GLN F 55 -18.45 -44.20 -8.63
CA GLN F 55 -19.10 -44.68 -7.43
C GLN F 55 -20.15 -43.67 -6.97
N LEU F 56 -20.94 -43.16 -7.93
CA LEU F 56 -21.99 -42.20 -7.65
C LEU F 56 -23.36 -42.84 -7.80
N PHE F 57 -23.41 -44.07 -8.34
CA PHE F 57 -24.67 -44.75 -8.65
C PHE F 57 -24.43 -46.26 -8.67
N ASP F 58 -25.40 -46.99 -8.12
CA ASP F 58 -25.37 -48.44 -8.05
C ASP F 58 -26.61 -48.96 -8.77
N ASP F 59 -26.45 -50.01 -9.57
CA ASP F 59 -27.55 -50.45 -10.42
C ASP F 59 -28.71 -50.95 -9.59
N THR F 60 -28.44 -51.42 -8.36
CA THR F 60 -29.49 -51.90 -7.49
C THR F 60 -29.93 -50.79 -6.54
N GLU F 61 -28.98 -50.12 -5.88
CA GLU F 61 -29.33 -49.20 -4.81
C GLU F 61 -29.65 -47.81 -5.37
N GLY F 62 -29.17 -47.53 -6.58
CA GLY F 62 -29.47 -46.27 -7.24
C GLY F 62 -28.45 -45.20 -6.86
N PRO F 63 -28.83 -43.91 -6.86
CA PRO F 63 -27.89 -42.82 -6.56
C PRO F 63 -27.31 -43.01 -5.16
N LEU F 64 -25.98 -42.85 -5.04
CA LEU F 64 -25.27 -42.98 -3.78
C LEU F 64 -25.03 -41.59 -3.18
N VAL F 65 -25.83 -41.25 -2.16
CA VAL F 65 -26.08 -39.87 -1.81
C VAL F 65 -24.83 -39.23 -1.20
N ASP F 66 -24.19 -39.92 -0.26
CA ASP F 66 -23.02 -39.36 0.40
C ASP F 66 -21.89 -39.15 -0.62
N ASN F 67 -21.73 -40.06 -1.58
CA ASN F 67 -20.66 -39.93 -2.56
C ASN F 67 -20.97 -38.77 -3.51
N LEU F 68 -22.25 -38.55 -3.82
CA LEU F 68 -22.63 -37.46 -4.71
C LEU F 68 -22.43 -36.11 -4.03
N VAL F 69 -22.75 -36.05 -2.73
CA VAL F 69 -22.58 -34.83 -1.97
C VAL F 69 -21.09 -34.51 -1.86
N HIS F 70 -20.29 -35.55 -1.59
CA HIS F 70 -18.86 -35.42 -1.42
C HIS F 70 -18.17 -35.05 -2.73
N GLN F 71 -18.59 -35.68 -3.83
CA GLN F 71 -18.09 -35.30 -5.15
C GLN F 71 -18.35 -33.82 -5.39
N LEU F 72 -19.58 -33.37 -5.11
CA LEU F 72 -20.02 -32.03 -5.46
C LEU F 72 -19.46 -30.97 -4.52
N ALA F 73 -19.21 -31.34 -3.26
CA ALA F 73 -18.91 -30.39 -2.19
C ALA F 73 -17.45 -30.46 -1.75
N HIS F 74 -16.78 -31.57 -2.07
CA HIS F 74 -15.42 -31.85 -1.61
C HIS F 74 -15.36 -31.81 -0.09
N GLY F 75 -16.46 -32.17 0.57
CA GLY F 75 -16.58 -32.08 2.03
C GLY F 75 -16.64 -30.65 2.56
N ARG F 76 -17.27 -29.73 1.80
CA ARG F 76 -17.43 -28.35 2.24
C ARG F 76 -18.80 -27.84 1.80
N ASP F 77 -19.60 -27.34 2.77
CA ASP F 77 -20.96 -26.87 2.53
C ASP F 77 -21.87 -28.06 2.19
N ALA F 78 -21.69 -29.16 2.93
CA ALA F 78 -22.32 -30.44 2.63
C ALA F 78 -23.85 -30.33 2.68
N GLU F 79 -24.39 -29.63 3.68
CA GLU F 79 -25.81 -29.71 3.96
C GLU F 79 -26.62 -29.11 2.81
N GLU F 80 -26.13 -28.03 2.20
CA GLU F 80 -26.85 -27.32 1.15
C GLU F 80 -26.92 -28.15 -0.12
N VAL F 81 -25.78 -28.77 -0.44
CA VAL F 81 -25.65 -29.64 -1.61
C VAL F 81 -26.53 -30.87 -1.43
N ARG F 82 -26.41 -31.55 -0.28
CA ARG F 82 -27.27 -32.67 0.05
C ARG F 82 -28.74 -32.37 -0.25
N THR F 83 -29.22 -31.17 0.12
CA THR F 83 -30.61 -30.84 -0.12
C THR F 83 -30.92 -30.85 -1.62
N GLU F 84 -30.02 -30.26 -2.41
CA GLU F 84 -30.22 -30.17 -3.85
C GLU F 84 -30.18 -31.57 -4.48
N VAL F 85 -29.26 -32.40 -3.98
CA VAL F 85 -29.09 -33.76 -4.48
C VAL F 85 -30.36 -34.55 -4.24
N LEU F 86 -30.87 -34.49 -3.01
CA LEU F 86 -32.04 -35.27 -2.62
C LEU F 86 -33.28 -34.86 -3.41
N LYS F 87 -33.35 -33.61 -3.88
CA LYS F 87 -34.43 -33.23 -4.79
C LYS F 87 -34.40 -34.08 -6.05
N CYS F 88 -33.25 -34.68 -6.40
CA CYS F 88 -33.12 -35.39 -7.67
C CYS F 88 -33.05 -36.90 -7.49
N VAL F 89 -33.19 -37.38 -6.24
CA VAL F 89 -33.19 -38.81 -5.95
C VAL F 89 -34.62 -39.33 -6.07
N ASP F 90 -34.78 -40.43 -6.82
CA ASP F 90 -36.06 -41.10 -6.95
C ASP F 90 -35.81 -42.61 -7.06
N LYS F 91 -36.90 -43.37 -7.24
CA LYS F 91 -36.84 -44.82 -7.29
C LYS F 91 -36.77 -45.29 -8.74
N ASN F 92 -36.46 -46.58 -8.90
CA ASN F 92 -36.31 -47.20 -10.21
C ASN F 92 -37.68 -47.55 -10.78
N THR F 93 -38.45 -46.53 -11.16
CA THR F 93 -39.87 -46.68 -11.47
C THR F 93 -40.10 -47.49 -12.74
N ASP F 94 -39.19 -47.44 -13.73
CA ASP F 94 -39.43 -48.16 -14.98
C ASP F 94 -38.42 -49.31 -15.16
N ASN F 95 -37.83 -49.78 -14.06
CA ASN F 95 -36.91 -50.91 -14.03
C ASN F 95 -35.90 -50.80 -15.16
N ASN F 96 -35.24 -49.66 -15.19
CA ASN F 96 -34.30 -49.32 -16.24
C ASN F 96 -33.21 -48.50 -15.58
N ALA F 97 -32.12 -49.18 -15.19
CA ALA F 97 -31.09 -48.57 -14.36
C ALA F 97 -30.35 -47.46 -15.11
N CYS F 98 -30.19 -47.64 -16.43
CA CYS F 98 -29.64 -46.60 -17.29
C CYS F 98 -30.52 -45.35 -17.24
N HIS F 99 -31.84 -45.53 -17.38
CA HIS F 99 -32.78 -44.42 -17.29
C HIS F 99 -32.70 -43.78 -15.90
N TRP F 100 -32.63 -44.63 -14.87
CA TRP F 100 -32.56 -44.21 -13.48
C TRP F 100 -31.45 -43.21 -13.24
N ALA F 101 -30.20 -43.59 -13.58
CA ALA F 101 -29.03 -42.74 -13.39
C ALA F 101 -29.18 -41.45 -14.20
N PHE F 102 -29.67 -41.59 -15.43
CA PHE F 102 -29.81 -40.47 -16.33
C PHE F 102 -30.79 -39.44 -15.76
N ARG F 103 -31.90 -39.95 -15.21
CA ARG F 103 -32.98 -39.11 -14.72
C ARG F 103 -32.50 -38.22 -13.57
N GLY F 104 -31.75 -38.81 -12.62
CA GLY F 104 -31.15 -38.07 -11.52
C GLY F 104 -30.20 -36.98 -12.03
N PHE F 105 -29.41 -37.33 -13.05
CA PHE F 105 -28.39 -36.45 -13.58
C PHE F 105 -29.02 -35.25 -14.30
N LYS F 106 -30.09 -35.50 -15.05
CA LYS F 106 -30.78 -34.47 -15.81
C LYS F 106 -31.51 -33.50 -14.86
N CYS F 107 -32.18 -34.04 -13.83
CA CYS F 107 -32.80 -33.26 -12.78
C CYS F 107 -31.80 -32.26 -12.21
N PHE F 108 -30.59 -32.73 -11.94
CA PHE F 108 -29.59 -31.94 -11.25
C PHE F 108 -28.96 -30.91 -12.19
N GLN F 109 -28.64 -31.33 -13.42
CA GLN F 109 -27.96 -30.45 -14.36
C GLN F 109 -28.88 -29.28 -14.72
N LYS F 110 -30.19 -29.52 -14.71
CA LYS F 110 -31.16 -28.48 -14.97
C LYS F 110 -30.74 -27.19 -14.25
N ASN F 111 -30.62 -27.23 -12.93
CA ASN F 111 -30.42 -26.03 -12.12
C ASN F 111 -28.98 -25.88 -11.64
N ASN F 112 -28.14 -26.93 -11.75
CA ASN F 112 -26.86 -26.94 -11.07
C ASN F 112 -25.72 -27.44 -11.98
N LEU F 113 -25.85 -27.22 -13.29
CA LEU F 113 -24.79 -27.59 -14.23
C LEU F 113 -23.46 -27.01 -13.77
N SER F 114 -23.49 -25.74 -13.38
CA SER F 114 -22.29 -25.04 -12.98
C SER F 114 -21.55 -25.85 -11.91
N LEU F 115 -22.32 -26.38 -10.96
CA LEU F 115 -21.77 -27.12 -9.84
C LEU F 115 -21.18 -28.45 -10.32
N ILE F 116 -21.86 -29.11 -11.26
CA ILE F 116 -21.35 -30.34 -11.83
C ILE F 116 -19.97 -30.07 -12.42
N LYS F 117 -19.85 -29.02 -13.22
CA LYS F 117 -18.60 -28.66 -13.87
C LYS F 117 -17.53 -28.33 -12.82
N ALA F 118 -17.88 -27.52 -11.83
CA ALA F 118 -16.93 -27.13 -10.80
C ALA F 118 -16.42 -28.32 -10.01
N SER F 119 -17.24 -29.38 -9.87
CA SER F 119 -16.89 -30.51 -9.02
C SER F 119 -15.71 -31.31 -9.56
N ILE F 120 -15.44 -31.22 -10.87
CA ILE F 120 -14.40 -32.05 -11.48
C ILE F 120 -13.06 -31.35 -11.33
N LYS F 121 -12.24 -31.87 -10.41
CA LYS F 121 -11.02 -31.22 -9.97
C LYS F 121 -11.29 -29.72 -9.79
N GLU G 2 -36.80 -15.17 25.02
CA GLU G 2 -38.20 -14.85 24.61
C GLU G 2 -38.22 -14.53 23.12
N PHE G 3 -37.44 -13.50 22.72
CA PHE G 3 -37.31 -13.16 21.31
C PHE G 3 -35.85 -13.01 20.92
N THR G 4 -35.46 -13.79 19.92
CA THR G 4 -34.19 -13.62 19.24
C THR G 4 -34.47 -13.34 17.78
N VAL G 5 -33.60 -12.55 17.14
CA VAL G 5 -33.76 -12.18 15.75
C VAL G 5 -33.67 -13.45 14.90
N SER G 6 -34.43 -13.43 13.79
CA SER G 6 -34.42 -14.49 12.80
C SER G 6 -33.30 -14.25 11.78
N THR G 7 -32.59 -15.33 11.43
CA THR G 7 -31.57 -15.35 10.40
C THR G 7 -32.15 -15.98 9.14
N THR G 8 -31.34 -15.97 8.06
CA THR G 8 -31.67 -16.65 6.81
C THR G 8 -32.10 -18.09 7.09
N GLU G 9 -31.42 -18.76 8.02
CA GLU G 9 -31.68 -20.16 8.28
C GLU G 9 -33.04 -20.34 8.94
N ASP G 10 -33.38 -19.44 9.86
CA ASP G 10 -34.68 -19.44 10.52
C ASP G 10 -35.77 -19.26 9.48
N LEU G 11 -35.56 -18.31 8.57
CA LEU G 11 -36.52 -18.03 7.51
C LEU G 11 -36.73 -19.27 6.65
N GLN G 12 -35.64 -19.95 6.31
CA GLN G 12 -35.71 -21.15 5.48
C GLN G 12 -36.56 -22.21 6.17
N ARG G 13 -36.33 -22.41 7.46
CA ARG G 13 -37.08 -23.38 8.25
C ARG G 13 -38.56 -22.98 8.27
N TYR G 14 -38.84 -21.71 8.55
CA TYR G 14 -40.21 -21.22 8.68
C TYR G 14 -40.95 -21.32 7.34
N ARG G 15 -40.23 -21.08 6.24
CA ARG G 15 -40.81 -21.27 4.92
C ARG G 15 -41.21 -22.73 4.75
N THR G 16 -40.36 -23.65 5.22
CA THR G 16 -40.64 -25.07 5.14
C THR G 16 -41.90 -25.40 5.93
N GLU G 17 -41.96 -24.92 7.18
CA GLU G 17 -43.08 -25.20 8.05
C GLU G 17 -44.37 -24.66 7.45
N CYS G 18 -44.31 -23.45 6.88
CA CYS G 18 -45.49 -22.80 6.32
C CYS G 18 -45.93 -23.44 5.00
N VAL G 19 -44.98 -23.88 4.18
CA VAL G 19 -45.31 -24.56 2.94
C VAL G 19 -46.13 -25.81 3.26
N SER G 20 -45.68 -26.56 4.27
CA SER G 20 -46.36 -27.76 4.72
C SER G 20 -47.75 -27.46 5.28
N SER G 21 -47.83 -26.59 6.29
CA SER G 21 -49.11 -26.40 6.97
C SER G 21 -50.14 -25.71 6.07
N LEU G 22 -49.70 -24.89 5.11
CA LEU G 22 -50.63 -24.11 4.29
C LEU G 22 -50.91 -24.78 2.96
N ASN G 23 -50.19 -25.88 2.66
CA ASN G 23 -50.35 -26.62 1.42
C ASN G 23 -50.08 -25.69 0.24
N ILE G 24 -48.96 -24.98 0.30
CA ILE G 24 -48.59 -24.03 -0.73
C ILE G 24 -48.26 -24.80 -2.01
N PRO G 25 -48.91 -24.50 -3.16
CA PRO G 25 -48.52 -25.09 -4.44
C PRO G 25 -47.04 -24.86 -4.77
N ALA G 26 -46.50 -25.68 -5.68
CA ALA G 26 -45.08 -25.71 -5.99
C ALA G 26 -44.63 -24.45 -6.72
N ASP G 27 -45.49 -23.91 -7.58
CA ASP G 27 -45.21 -22.68 -8.30
C ASP G 27 -45.02 -21.51 -7.31
N TYR G 28 -45.75 -21.53 -6.19
CA TYR G 28 -45.63 -20.49 -5.19
C TYR G 28 -44.33 -20.66 -4.40
N VAL G 29 -44.06 -21.91 -4.01
CA VAL G 29 -42.86 -22.27 -3.28
C VAL G 29 -41.65 -21.63 -3.96
N GLU G 30 -41.52 -21.88 -5.27
CA GLU G 30 -40.41 -21.37 -6.05
C GLU G 30 -40.29 -19.85 -5.91
N LYS G 31 -41.42 -19.15 -6.00
CA LYS G 31 -41.45 -17.71 -5.91
C LYS G 31 -40.99 -17.23 -4.53
N PHE G 32 -41.56 -17.84 -3.47
CA PHE G 32 -41.23 -17.49 -2.10
C PHE G 32 -39.74 -17.72 -1.81
N LYS G 33 -39.15 -18.75 -2.44
CA LYS G 33 -37.73 -19.05 -2.27
C LYS G 33 -36.87 -17.93 -2.84
N LYS G 34 -37.38 -17.23 -3.86
CA LYS G 34 -36.71 -16.11 -4.49
C LYS G 34 -37.15 -14.79 -3.88
N TRP G 35 -37.96 -14.85 -2.81
CA TRP G 35 -38.52 -13.67 -2.16
C TRP G 35 -39.32 -12.85 -3.16
N GLU G 36 -40.11 -13.54 -3.98
CA GLU G 36 -41.05 -12.92 -4.89
C GLU G 36 -42.46 -13.20 -4.38
N PHE G 37 -43.22 -12.14 -4.09
CA PHE G 37 -44.46 -12.25 -3.35
C PHE G 37 -45.63 -11.58 -4.07
N PRO G 38 -46.46 -12.34 -4.83
CA PRO G 38 -47.68 -11.79 -5.44
C PRO G 38 -48.70 -11.30 -4.42
N GLU G 39 -49.46 -10.27 -4.80
CA GLU G 39 -50.44 -9.70 -3.89
C GLU G 39 -51.74 -10.47 -4.00
N ASP G 40 -51.74 -11.73 -3.54
CA ASP G 40 -52.93 -12.57 -3.59
C ASP G 40 -53.08 -13.30 -2.26
N ASP G 41 -54.22 -13.98 -2.10
CA ASP G 41 -54.61 -14.58 -0.84
C ASP G 41 -53.60 -15.63 -0.37
N THR G 42 -53.09 -16.44 -1.31
CA THR G 42 -52.13 -17.48 -0.96
C THR G 42 -50.90 -16.84 -0.32
N THR G 43 -50.39 -15.79 -0.97
CA THR G 43 -49.12 -15.21 -0.57
C THR G 43 -49.28 -14.47 0.76
N MET G 44 -50.41 -13.80 0.94
CA MET G 44 -50.64 -12.99 2.12
C MET G 44 -50.72 -13.89 3.35
N CYS G 45 -51.31 -15.09 3.23
CA CYS G 45 -51.39 -16.01 4.36
C CYS G 45 -50.02 -16.66 4.61
N TYR G 46 -49.21 -16.83 3.57
CA TYR G 46 -47.86 -17.32 3.73
C TYR G 46 -47.02 -16.34 4.57
N ILE G 47 -47.08 -15.07 4.19
CA ILE G 47 -46.36 -14.01 4.88
C ILE G 47 -46.80 -13.96 6.35
N LYS G 48 -48.12 -13.97 6.58
CA LYS G 48 -48.64 -14.02 7.93
C LYS G 48 -48.02 -15.17 8.72
N CYS G 49 -48.04 -16.37 8.14
CA CYS G 49 -47.48 -17.57 8.76
C CYS G 49 -46.01 -17.37 9.14
N VAL G 50 -45.19 -16.89 8.20
CA VAL G 50 -43.77 -16.70 8.45
C VAL G 50 -43.56 -15.66 9.55
N PHE G 51 -44.28 -14.53 9.45
CA PHE G 51 -44.19 -13.47 10.44
C PHE G 51 -44.65 -13.97 11.81
N ASN G 52 -45.70 -14.82 11.86
CA ASN G 52 -46.13 -15.42 13.12
C ASN G 52 -44.99 -16.20 13.73
N LYS G 53 -44.34 -17.03 12.90
CA LYS G 53 -43.27 -17.90 13.37
C LYS G 53 -42.06 -17.08 13.78
N MET G 54 -41.88 -15.90 13.18
CA MET G 54 -40.74 -15.06 13.51
C MET G 54 -41.05 -14.18 14.72
N GLN G 55 -42.30 -14.19 15.19
CA GLN G 55 -42.74 -13.38 16.31
C GLN G 55 -42.68 -11.90 15.94
N LEU G 56 -43.04 -11.61 14.68
CA LEU G 56 -43.18 -10.25 14.21
C LEU G 56 -44.66 -9.88 14.10
N PHE G 57 -45.55 -10.87 14.17
CA PHE G 57 -46.96 -10.60 13.99
C PHE G 57 -47.80 -11.66 14.71
N ASP G 58 -48.84 -11.19 15.39
CA ASP G 58 -49.82 -12.03 16.06
C ASP G 58 -51.18 -11.74 15.45
N ASP G 59 -52.00 -12.78 15.24
CA ASP G 59 -53.23 -12.63 14.48
C ASP G 59 -54.23 -11.76 15.23
N THR G 60 -54.15 -11.71 16.57
CA THR G 60 -55.01 -10.86 17.37
C THR G 60 -54.39 -9.48 17.59
N GLU G 61 -53.13 -9.43 18.04
CA GLU G 61 -52.54 -8.17 18.45
C GLU G 61 -51.94 -7.40 17.27
N GLY G 62 -51.73 -8.08 16.14
CA GLY G 62 -51.17 -7.44 14.95
C GLY G 62 -49.64 -7.40 14.96
N PRO G 63 -49.02 -6.44 14.26
CA PRO G 63 -47.57 -6.37 14.18
C PRO G 63 -46.99 -6.19 15.57
N LEU G 64 -45.93 -6.94 15.86
CA LEU G 64 -45.31 -6.90 17.18
C LEU G 64 -44.12 -5.95 17.11
N VAL G 65 -44.33 -4.74 17.64
CA VAL G 65 -43.48 -3.59 17.35
C VAL G 65 -42.08 -3.76 17.92
N ASP G 66 -41.98 -4.15 19.21
CA ASP G 66 -40.67 -4.24 19.84
C ASP G 66 -39.84 -5.26 19.04
N ASN G 67 -40.43 -6.43 18.81
CA ASN G 67 -39.75 -7.50 18.11
C ASN G 67 -39.36 -7.03 16.70
N LEU G 68 -40.28 -6.35 16.02
CA LEU G 68 -40.00 -5.81 14.71
C LEU G 68 -38.77 -4.89 14.73
N VAL G 69 -38.63 -4.06 15.78
CA VAL G 69 -37.56 -3.08 15.83
C VAL G 69 -36.22 -3.78 15.94
N HIS G 70 -36.13 -4.79 16.82
CA HIS G 70 -34.94 -5.61 16.96
C HIS G 70 -34.55 -6.26 15.64
N GLN G 71 -35.55 -6.85 14.95
CA GLN G 71 -35.31 -7.55 13.70
C GLN G 71 -34.79 -6.60 12.63
N LEU G 72 -35.44 -5.43 12.51
CA LEU G 72 -35.22 -4.56 11.37
C LEU G 72 -34.09 -3.55 11.64
N ALA G 73 -33.75 -3.32 12.90
CA ALA G 73 -32.75 -2.31 13.25
C ALA G 73 -31.41 -2.61 12.57
N HIS G 74 -30.93 -3.85 12.78
CA HIS G 74 -29.59 -4.26 12.35
C HIS G 74 -28.56 -3.28 12.90
N GLY G 75 -28.69 -2.94 14.19
CA GLY G 75 -27.74 -2.10 14.88
C GLY G 75 -27.99 -0.60 14.69
N ARG G 76 -28.90 -0.25 13.78
CA ARG G 76 -29.18 1.13 13.42
C ARG G 76 -29.97 1.83 14.52
N ASP G 77 -30.35 3.10 14.27
CA ASP G 77 -30.94 3.99 15.26
C ASP G 77 -32.24 3.40 15.83
N ALA G 78 -32.14 2.85 17.05
CA ALA G 78 -33.17 2.03 17.66
C ALA G 78 -34.48 2.79 17.83
N GLU G 79 -34.38 4.09 18.12
CA GLU G 79 -35.57 4.90 18.38
C GLU G 79 -36.12 5.45 17.07
N GLU G 80 -35.27 5.61 16.05
CA GLU G 80 -35.73 6.06 14.74
C GLU G 80 -36.27 4.88 13.92
N VAL G 81 -35.82 3.67 14.25
CA VAL G 81 -36.41 2.47 13.68
C VAL G 81 -37.87 2.36 14.13
N ARG G 82 -38.08 2.58 15.43
CA ARG G 82 -39.40 2.61 16.03
C ARG G 82 -40.39 3.37 15.16
N THR G 83 -40.04 4.60 14.77
CA THR G 83 -41.01 5.55 14.25
C THR G 83 -41.30 5.26 12.78
N GLU G 84 -40.35 4.68 12.05
CA GLU G 84 -40.63 4.22 10.71
C GLU G 84 -41.57 3.01 10.77
N VAL G 85 -41.36 2.16 11.78
CA VAL G 85 -42.17 0.96 11.97
C VAL G 85 -43.57 1.35 12.45
N LEU G 86 -43.64 2.24 13.45
CA LEU G 86 -44.91 2.64 14.02
C LEU G 86 -45.78 3.27 12.93
N LYS G 87 -45.15 3.95 11.97
CA LYS G 87 -45.85 4.53 10.84
C LYS G 87 -46.53 3.43 10.02
N CYS G 88 -45.94 2.23 10.01
CA CYS G 88 -46.45 1.11 9.26
C CYS G 88 -47.53 0.33 10.01
N VAL G 89 -47.69 0.58 11.32
CA VAL G 89 -48.65 -0.16 12.11
C VAL G 89 -50.03 0.41 11.86
N ASP G 90 -51.03 -0.46 11.66
CA ASP G 90 -52.42 -0.04 11.58
C ASP G 90 -53.28 -1.08 12.30
N LYS G 91 -54.59 -0.86 12.28
CA LYS G 91 -55.51 -1.78 12.93
C LYS G 91 -55.98 -2.80 11.91
N ASN G 92 -56.64 -3.86 12.39
CA ASN G 92 -57.10 -4.93 11.52
C ASN G 92 -58.46 -4.57 10.94
N THR G 93 -58.47 -3.60 10.03
CA THR G 93 -59.69 -2.91 9.65
C THR G 93 -60.64 -3.82 8.88
N ASP G 94 -60.13 -4.79 8.11
CA ASP G 94 -61.01 -5.70 7.40
C ASP G 94 -61.09 -7.08 8.04
N ASN G 95 -60.58 -7.21 9.28
CA ASN G 95 -60.71 -8.46 10.03
C ASN G 95 -60.19 -9.62 9.19
N ASN G 96 -59.03 -9.42 8.55
CA ASN G 96 -58.32 -10.45 7.79
C ASN G 96 -56.84 -10.32 8.14
N ALA G 97 -56.35 -11.18 9.06
CA ALA G 97 -54.98 -11.09 9.54
C ALA G 97 -53.97 -11.31 8.41
N CYS G 98 -54.33 -12.10 7.39
CA CYS G 98 -53.48 -12.26 6.22
C CYS G 98 -53.24 -10.91 5.52
N HIS G 99 -54.32 -10.13 5.29
CA HIS G 99 -54.20 -8.79 4.73
C HIS G 99 -53.40 -7.89 5.66
N TRP G 100 -53.74 -7.96 6.95
CA TRP G 100 -53.12 -7.17 7.99
C TRP G 100 -51.60 -7.36 7.95
N ALA G 101 -51.18 -8.62 7.87
CA ALA G 101 -49.77 -8.97 7.91
C ALA G 101 -49.10 -8.44 6.66
N PHE G 102 -49.75 -8.60 5.51
CA PHE G 102 -49.15 -8.23 4.24
C PHE G 102 -49.01 -6.71 4.14
N ARG G 103 -49.99 -5.97 4.67
CA ARG G 103 -50.03 -4.53 4.58
C ARG G 103 -48.81 -3.97 5.31
N GLY G 104 -48.50 -4.56 6.47
CA GLY G 104 -47.31 -4.21 7.23
C GLY G 104 -46.02 -4.49 6.47
N PHE G 105 -45.96 -5.67 5.82
CA PHE G 105 -44.83 -6.10 5.02
C PHE G 105 -44.60 -5.11 3.87
N LYS G 106 -45.66 -4.82 3.12
CA LYS G 106 -45.61 -3.92 1.99
C LYS G 106 -45.05 -2.57 2.44
N CYS G 107 -45.50 -2.09 3.60
CA CYS G 107 -45.03 -0.83 4.17
C CYS G 107 -43.55 -0.92 4.55
N PHE G 108 -43.11 -2.04 5.14
CA PHE G 108 -41.69 -2.18 5.48
C PHE G 108 -40.85 -2.06 4.22
N GLN G 109 -41.31 -2.65 3.11
CA GLN G 109 -40.54 -2.68 1.88
C GLN G 109 -40.43 -1.29 1.25
N LYS G 110 -41.46 -0.46 1.46
CA LYS G 110 -41.47 0.89 0.91
C LYS G 110 -40.53 1.79 1.70
N ASN G 111 -40.27 1.46 2.97
CA ASN G 111 -39.29 2.19 3.78
C ASN G 111 -37.93 1.51 3.69
N ASN G 112 -37.81 0.53 2.79
CA ASN G 112 -36.55 -0.15 2.56
C ASN G 112 -36.01 -0.73 3.87
N LEU G 113 -36.93 -1.28 4.68
CA LEU G 113 -36.55 -2.01 5.87
C LEU G 113 -36.48 -3.49 5.52
N SER G 114 -35.45 -4.17 6.01
CA SER G 114 -35.19 -5.55 5.62
C SER G 114 -35.30 -6.43 6.85
N LEU G 115 -36.05 -7.53 6.72
CA LEU G 115 -35.99 -8.60 7.72
C LEU G 115 -34.53 -9.04 7.89
N ILE G 116 -33.93 -9.35 6.74
CA ILE G 116 -32.65 -10.04 6.65
C ILE G 116 -31.69 -9.13 5.92
N LYS G 117 -30.51 -8.88 6.51
CA LYS G 117 -29.51 -8.01 5.92
C LYS G 117 -28.11 -8.55 6.16
N ALA G 118 -27.23 -8.36 5.17
CA ALA G 118 -25.82 -8.73 5.31
C ALA G 118 -25.23 -8.03 6.53
N SER G 119 -24.31 -8.71 7.21
CA SER G 119 -23.67 -8.16 8.39
C SER G 119 -22.15 -8.31 8.28
N ILE G 120 -21.43 -7.22 8.53
CA ILE G 120 -19.98 -7.19 8.44
C ILE G 120 -19.41 -7.06 9.84
N LYS G 121 -18.50 -7.99 10.20
CA LYS G 121 -18.08 -8.22 11.56
C LYS G 121 -16.59 -7.95 11.70
N LYS G 122 -16.11 -7.81 12.95
CA LYS G 122 -14.70 -7.70 13.28
C LYS G 122 -14.10 -6.45 12.64
N GLU H 2 -27.15 -10.08 -22.56
CA GLU H 2 -27.72 -9.16 -21.52
C GLU H 2 -27.42 -9.73 -20.14
N PHE H 3 -27.08 -8.84 -19.20
CA PHE H 3 -26.86 -9.21 -17.81
C PHE H 3 -28.18 -9.68 -17.21
N THR H 4 -28.09 -10.61 -16.25
CA THR H 4 -29.26 -11.10 -15.53
C THR H 4 -29.02 -10.99 -14.02
N VAL H 5 -30.05 -10.56 -13.29
CA VAL H 5 -29.97 -10.36 -11.85
C VAL H 5 -29.89 -11.72 -11.18
N SER H 6 -29.09 -11.80 -10.11
CA SER H 6 -28.98 -13.03 -9.33
C SER H 6 -30.09 -13.08 -8.29
N THR H 7 -30.68 -14.27 -8.16
CA THR H 7 -31.66 -14.56 -7.13
C THR H 7 -30.97 -15.28 -5.97
N THR H 8 -31.75 -15.58 -4.94
CA THR H 8 -31.28 -16.36 -3.80
C THR H 8 -30.76 -17.73 -4.23
N GLU H 9 -31.34 -18.30 -5.28
CA GLU H 9 -30.95 -19.64 -5.71
C GLU H 9 -29.59 -19.57 -6.39
N ASP H 10 -29.36 -18.49 -7.13
CA ASP H 10 -28.05 -18.24 -7.73
C ASP H 10 -27.02 -18.03 -6.64
N LEU H 11 -27.38 -17.29 -5.58
CA LEU H 11 -26.44 -17.00 -4.51
C LEU H 11 -26.04 -18.28 -3.78
N GLN H 12 -27.00 -19.18 -3.54
CA GLN H 12 -26.68 -20.45 -2.88
C GLN H 12 -25.71 -21.25 -3.74
N ARG H 13 -26.04 -21.36 -5.03
CA ARG H 13 -25.20 -22.03 -6.02
C ARG H 13 -23.78 -21.48 -5.95
N TYR H 14 -23.66 -20.15 -6.08
CA TYR H 14 -22.36 -19.51 -6.14
C TYR H 14 -21.62 -19.71 -4.83
N ARG H 15 -22.35 -19.63 -3.72
CA ARG H 15 -21.74 -19.87 -2.43
C ARG H 15 -21.12 -21.27 -2.40
N THR H 16 -21.87 -22.28 -2.90
CA THR H 16 -21.39 -23.65 -2.89
C THR H 16 -20.09 -23.76 -3.70
N GLU H 17 -20.13 -23.20 -4.91
CA GLU H 17 -19.01 -23.24 -5.83
C GLU H 17 -17.80 -22.55 -5.20
N CYS H 18 -18.04 -21.39 -4.56
CA CYS H 18 -16.94 -20.60 -4.05
C CYS H 18 -16.32 -21.27 -2.83
N VAL H 19 -17.17 -21.84 -1.96
CA VAL H 19 -16.69 -22.49 -0.75
C VAL H 19 -15.70 -23.62 -1.11
N SER H 20 -16.06 -24.42 -2.12
CA SER H 20 -15.23 -25.50 -2.62
C SER H 20 -13.91 -24.97 -3.18
N SER H 21 -13.99 -24.05 -4.14
CA SER H 21 -12.82 -23.61 -4.88
C SER H 21 -11.84 -22.87 -3.98
N LEU H 22 -12.34 -22.19 -2.94
CA LEU H 22 -11.47 -21.47 -2.03
C LEU H 22 -11.18 -22.29 -0.77
N ASN H 23 -11.79 -23.47 -0.64
CA ASN H 23 -11.59 -24.31 0.55
C ASN H 23 -11.90 -23.53 1.82
N ILE H 24 -13.12 -22.97 1.89
CA ILE H 24 -13.53 -22.14 3.00
C ILE H 24 -13.75 -23.04 4.22
N PRO H 25 -13.14 -22.72 5.40
CA PRO H 25 -13.36 -23.50 6.62
C PRO H 25 -14.82 -23.51 7.06
N ALA H 26 -15.21 -24.58 7.77
CA ALA H 26 -16.58 -24.84 8.17
C ALA H 26 -17.20 -23.66 8.93
N ASP H 27 -16.46 -23.08 9.87
CA ASP H 27 -17.01 -22.02 10.71
C ASP H 27 -17.34 -20.78 9.87
N TYR H 28 -16.58 -20.54 8.78
CA TYR H 28 -16.88 -19.42 7.89
C TYR H 28 -18.12 -19.71 7.06
N VAL H 29 -18.29 -20.98 6.63
CA VAL H 29 -19.45 -21.36 5.83
C VAL H 29 -20.75 -21.08 6.58
N GLU H 30 -20.79 -21.46 7.87
CA GLU H 30 -21.97 -21.21 8.67
C GLU H 30 -22.28 -19.71 8.72
N LYS H 31 -21.23 -18.89 8.82
CA LYS H 31 -21.42 -17.44 8.87
C LYS H 31 -21.92 -16.93 7.52
N PHE H 32 -21.32 -17.42 6.42
CA PHE H 32 -21.69 -16.92 5.10
C PHE H 32 -23.13 -17.28 4.77
N LYS H 33 -23.62 -18.39 5.32
CA LYS H 33 -24.99 -18.83 5.12
C LYS H 33 -25.97 -17.85 5.79
N LYS H 34 -25.52 -17.20 6.87
CA LYS H 34 -26.33 -16.26 7.62
C LYS H 34 -26.04 -14.83 7.19
N TRP H 35 -25.26 -14.67 6.12
CA TRP H 35 -24.88 -13.37 5.57
C TRP H 35 -24.10 -12.57 6.61
N GLU H 36 -23.22 -13.26 7.35
CA GLU H 36 -22.28 -12.63 8.27
C GLU H 36 -20.88 -12.75 7.67
N PHE H 37 -20.18 -11.62 7.55
CA PHE H 37 -18.93 -11.58 6.83
C PHE H 37 -17.86 -10.88 7.66
N PRO H 38 -16.97 -11.64 8.34
CA PRO H 38 -15.83 -11.04 9.05
C PRO H 38 -14.92 -10.35 8.06
N GLU H 39 -14.26 -9.27 8.51
CA GLU H 39 -13.40 -8.48 7.65
C GLU H 39 -11.98 -9.06 7.66
N ASP H 40 -11.79 -10.17 6.94
CA ASP H 40 -10.50 -10.82 6.83
C ASP H 40 -10.36 -11.40 5.43
N ASP H 41 -9.16 -11.92 5.14
CA ASP H 41 -8.77 -12.26 3.77
C ASP H 41 -9.60 -13.42 3.24
N THR H 42 -9.87 -14.41 4.08
CA THR H 42 -10.71 -15.55 3.73
C THR H 42 -12.03 -15.07 3.15
N THR H 43 -12.67 -14.17 3.89
CA THR H 43 -14.00 -13.68 3.58
C THR H 43 -13.98 -12.79 2.34
N MET H 44 -12.91 -12.01 2.21
CA MET H 44 -12.83 -11.01 1.15
C MET H 44 -12.69 -11.71 -0.18
N CYS H 45 -11.96 -12.83 -0.21
CA CYS H 45 -11.84 -13.57 -1.45
C CYS H 45 -13.13 -14.34 -1.73
N TYR H 46 -13.86 -14.71 -0.67
CA TYR H 46 -15.17 -15.29 -0.88
C TYR H 46 -16.10 -14.27 -1.58
N ILE H 47 -16.16 -13.05 -1.06
CA ILE H 47 -17.01 -12.00 -1.62
C ILE H 47 -16.61 -11.73 -3.06
N LYS H 48 -15.31 -11.57 -3.34
CA LYS H 48 -14.89 -11.39 -4.72
C LYS H 48 -15.41 -12.56 -5.57
N CYS H 49 -15.17 -13.81 -5.12
CA CYS H 49 -15.60 -15.00 -5.87
C CYS H 49 -17.09 -14.92 -6.17
N VAL H 50 -17.90 -14.57 -5.16
CA VAL H 50 -19.34 -14.56 -5.35
C VAL H 50 -19.72 -13.39 -6.26
N PHE H 51 -19.06 -12.25 -6.13
CA PHE H 51 -19.36 -11.12 -6.99
C PHE H 51 -18.92 -11.39 -8.42
N ASN H 52 -17.82 -12.15 -8.62
CA ASN H 52 -17.38 -12.54 -9.95
C ASN H 52 -18.51 -13.31 -10.65
N LYS H 53 -19.10 -14.25 -9.93
CA LYS H 53 -20.10 -15.14 -10.50
C LYS H 53 -21.38 -14.39 -10.84
N MET H 54 -21.68 -13.33 -10.08
CA MET H 54 -22.91 -12.59 -10.29
C MET H 54 -22.70 -11.50 -11.35
N GLN H 55 -21.48 -11.39 -11.87
CA GLN H 55 -21.08 -10.37 -12.83
C GLN H 55 -21.25 -8.96 -12.24
N LEU H 56 -20.90 -8.81 -10.96
CA LEU H 56 -20.94 -7.53 -10.27
C LEU H 56 -19.54 -6.96 -10.12
N PHE H 57 -18.51 -7.80 -10.32
CA PHE H 57 -17.13 -7.41 -10.11
C PHE H 57 -16.26 -8.18 -11.09
N ASP H 58 -15.30 -7.47 -11.68
CA ASP H 58 -14.30 -8.03 -12.57
C ASP H 58 -12.92 -7.73 -11.99
N ASP H 59 -12.04 -8.72 -12.00
CA ASP H 59 -10.77 -8.59 -11.29
C ASP H 59 -9.95 -7.47 -11.91
N THR H 60 -10.09 -7.23 -13.23
CA THR H 60 -9.37 -6.13 -13.86
C THR H 60 -10.15 -4.81 -13.78
N GLU H 61 -11.43 -4.83 -14.18
CA GLU H 61 -12.22 -3.61 -14.31
C GLU H 61 -12.74 -3.12 -12.95
N GLY H 62 -12.83 -4.01 -11.97
CA GLY H 62 -13.36 -3.64 -10.66
C GLY H 62 -14.88 -3.75 -10.60
N PRO H 63 -15.55 -3.00 -9.71
CA PRO H 63 -17.01 -3.12 -9.57
C PRO H 63 -17.67 -2.75 -10.90
N LEU H 64 -18.69 -3.52 -11.30
CA LEU H 64 -19.30 -3.31 -12.60
C LEU H 64 -20.61 -2.55 -12.39
N VAL H 65 -20.54 -1.22 -12.58
CA VAL H 65 -21.53 -0.31 -12.03
C VAL H 65 -22.91 -0.57 -12.60
N ASP H 66 -23.00 -0.75 -13.92
CA ASP H 66 -24.29 -0.91 -14.57
C ASP H 66 -25.00 -2.14 -14.03
N ASN H 67 -24.26 -3.25 -13.88
CA ASN H 67 -24.83 -4.49 -13.39
C ASN H 67 -25.19 -4.33 -11.92
N LEU H 68 -24.35 -3.61 -11.17
CA LEU H 68 -24.64 -3.36 -9.78
C LEU H 68 -25.96 -2.59 -9.67
N VAL H 69 -26.16 -1.60 -10.53
CA VAL H 69 -27.38 -0.81 -10.47
C VAL H 69 -28.58 -1.71 -10.76
N HIS H 70 -28.48 -2.58 -11.76
CA HIS H 70 -29.57 -3.47 -12.11
C HIS H 70 -29.87 -4.41 -10.94
N GLN H 71 -28.81 -4.85 -10.23
CA GLN H 71 -28.97 -5.80 -9.16
C GLN H 71 -29.50 -5.09 -7.91
N LEU H 72 -28.96 -3.92 -7.62
CA LEU H 72 -29.14 -3.30 -6.32
C LEU H 72 -30.34 -2.36 -6.31
N ALA H 73 -30.87 -1.98 -7.48
CA ALA H 73 -31.96 -1.02 -7.54
C ALA H 73 -33.23 -1.61 -6.94
N HIS H 74 -33.64 -2.78 -7.45
CA HIS H 74 -34.89 -3.44 -7.06
C HIS H 74 -36.08 -2.53 -7.35
N GLY H 75 -36.13 -2.01 -8.58
CA GLY H 75 -37.22 -1.14 -9.01
C GLY H 75 -37.17 0.26 -8.40
N ARG H 76 -36.17 0.51 -7.55
CA ARG H 76 -35.91 1.84 -7.02
C ARG H 76 -35.36 2.69 -8.15
N ASP H 77 -35.40 4.02 -7.95
CA ASP H 77 -34.96 4.99 -8.94
C ASP H 77 -33.51 4.70 -9.35
N ALA H 78 -33.32 4.35 -10.63
CA ALA H 78 -32.03 3.91 -11.14
C ALA H 78 -30.97 4.98 -10.93
N GLU H 79 -31.35 6.24 -11.14
CA GLU H 79 -30.43 7.36 -11.14
C GLU H 79 -29.85 7.53 -9.75
N GLU H 80 -30.72 7.49 -8.75
CA GLU H 80 -30.33 7.68 -7.36
C GLU H 80 -29.48 6.51 -6.90
N VAL H 81 -29.82 5.29 -7.33
CA VAL H 81 -29.06 4.09 -6.98
C VAL H 81 -27.66 4.22 -7.59
N ARG H 82 -27.59 4.64 -8.86
CA ARG H 82 -26.32 4.77 -9.54
C ARG H 82 -25.42 5.76 -8.81
N THR H 83 -25.98 6.89 -8.36
CA THR H 83 -25.21 7.90 -7.66
C THR H 83 -24.58 7.30 -6.40
N GLU H 84 -25.38 6.53 -5.65
CA GLU H 84 -24.91 5.90 -4.42
C GLU H 84 -23.81 4.89 -4.72
N VAL H 85 -24.00 4.10 -5.78
CA VAL H 85 -23.04 3.06 -6.15
C VAL H 85 -21.69 3.69 -6.48
N LEU H 86 -21.71 4.81 -7.19
CA LEU H 86 -20.49 5.44 -7.67
C LEU H 86 -19.66 5.97 -6.50
N LYS H 87 -20.35 6.40 -5.43
CA LYS H 87 -19.67 6.79 -4.22
C LYS H 87 -18.93 5.60 -3.60
N CYS H 88 -19.39 4.38 -3.89
CA CYS H 88 -18.80 3.18 -3.31
C CYS H 88 -17.69 2.61 -4.18
N VAL H 89 -17.55 3.13 -5.40
CA VAL H 89 -16.61 2.62 -6.38
C VAL H 89 -15.29 3.36 -6.22
N ASP H 90 -14.21 2.62 -6.03
CA ASP H 90 -12.88 3.20 -5.96
C ASP H 90 -11.96 2.42 -6.90
N LYS H 91 -10.67 2.73 -6.85
CA LYS H 91 -9.66 2.08 -7.66
C LYS H 91 -8.94 0.99 -6.87
N ASN H 92 -8.22 0.13 -7.60
CA ASN H 92 -7.53 -0.99 -7.01
C ASN H 92 -6.23 -0.51 -6.34
N THR H 93 -6.38 0.26 -5.27
CA THR H 93 -5.27 1.04 -4.73
C THR H 93 -4.20 0.16 -4.08
N ASP H 94 -4.54 -1.06 -3.64
CA ASP H 94 -3.55 -1.95 -3.05
C ASP H 94 -3.35 -3.22 -3.87
N ASN H 95 -3.81 -3.20 -5.13
CA ASN H 95 -3.51 -4.24 -6.11
C ASN H 95 -3.92 -5.60 -5.57
N ASN H 96 -5.12 -5.66 -4.98
CA ASN H 96 -5.63 -6.92 -4.47
C ASN H 96 -7.12 -6.95 -4.78
N ALA H 97 -7.50 -7.76 -5.78
CA ALA H 97 -8.87 -7.78 -6.25
C ALA H 97 -9.83 -8.16 -5.12
N CYS H 98 -9.36 -8.96 -4.16
CA CYS H 98 -10.18 -9.41 -3.05
C CYS H 98 -10.54 -8.23 -2.16
N HIS H 99 -9.52 -7.43 -1.78
CA HIS H 99 -9.72 -6.26 -0.96
C HIS H 99 -10.63 -5.29 -1.70
N TRP H 100 -10.35 -5.13 -2.99
CA TRP H 100 -11.11 -4.24 -3.85
C TRP H 100 -12.60 -4.60 -3.84
N ALA H 101 -12.92 -5.90 -4.00
CA ALA H 101 -14.30 -6.33 -4.09
C ALA H 101 -15.01 -6.10 -2.76
N PHE H 102 -14.28 -6.33 -1.66
CA PHE H 102 -14.87 -6.26 -0.34
C PHE H 102 -15.11 -4.81 0.07
N ARG H 103 -14.25 -3.89 -0.38
CA ARG H 103 -14.38 -2.47 -0.08
C ARG H 103 -15.70 -1.96 -0.64
N GLY H 104 -15.99 -2.32 -1.89
CA GLY H 104 -17.29 -2.04 -2.50
C GLY H 104 -18.44 -2.63 -1.70
N PHE H 105 -18.35 -3.92 -1.38
CA PHE H 105 -19.38 -4.65 -0.62
C PHE H 105 -19.72 -3.89 0.65
N LYS H 106 -18.68 -3.50 1.38
CA LYS H 106 -18.83 -2.88 2.68
C LYS H 106 -19.56 -1.54 2.55
N CYS H 107 -19.18 -0.77 1.52
CA CYS H 107 -19.79 0.52 1.23
C CYS H 107 -21.28 0.34 0.90
N PHE H 108 -21.62 -0.69 0.09
CA PHE H 108 -23.02 -0.91 -0.28
C PHE H 108 -23.85 -1.21 0.98
N GLN H 109 -23.31 -2.04 1.86
CA GLN H 109 -23.99 -2.43 3.08
C GLN H 109 -24.22 -1.18 3.94
N LYS H 110 -23.18 -0.36 4.08
CA LYS H 110 -23.26 0.88 4.83
C LYS H 110 -24.35 1.78 4.27
N ASN H 111 -24.55 1.78 2.94
CA ASN H 111 -25.55 2.63 2.32
C ASN H 111 -26.87 1.90 2.08
N ASN H 112 -27.08 0.74 2.73
CA ASN H 112 -28.36 0.06 2.72
C ASN H 112 -28.73 -0.38 1.31
N LEU H 113 -27.73 -0.77 0.53
CA LEU H 113 -27.97 -1.41 -0.75
C LEU H 113 -27.71 -2.90 -0.57
N SER H 114 -28.72 -3.71 -0.83
CA SER H 114 -28.59 -5.15 -0.65
C SER H 114 -28.74 -5.86 -1.99
N LEU H 115 -28.00 -6.95 -2.15
CA LEU H 115 -28.03 -7.75 -3.37
C LEU H 115 -29.41 -8.34 -3.57
N ILE H 116 -29.99 -8.83 -2.47
CA ILE H 116 -31.23 -9.60 -2.49
C ILE H 116 -32.29 -8.86 -1.70
N LYS H 117 -33.41 -8.54 -2.37
CA LYS H 117 -34.53 -7.89 -1.71
C LYS H 117 -35.84 -8.59 -2.05
N ALA H 118 -36.79 -8.53 -1.11
CA ALA H 118 -38.14 -9.00 -1.38
C ALA H 118 -38.74 -8.11 -2.45
N SER H 119 -39.48 -8.71 -3.39
CA SER H 119 -40.26 -7.94 -4.33
C SER H 119 -41.72 -8.41 -4.29
N ILE H 120 -42.61 -7.42 -4.18
CA ILE H 120 -44.04 -7.64 -4.20
C ILE H 120 -44.52 -7.45 -5.64
N LYS H 121 -45.25 -8.43 -6.18
CA LYS H 121 -45.57 -8.45 -7.59
C LYS H 121 -46.86 -7.65 -7.84
N GLU I 2 -14.63 46.38 27.29
CA GLU I 2 -14.06 47.70 26.89
C GLU I 2 -12.57 47.72 27.19
N PHE I 3 -11.83 46.77 26.59
CA PHE I 3 -10.37 46.69 26.69
C PHE I 3 -9.72 47.01 25.35
N THR I 4 -8.52 47.58 25.39
CA THR I 4 -7.72 47.82 24.19
C THR I 4 -6.24 47.76 24.55
N VAL I 5 -5.39 47.52 23.55
CA VAL I 5 -3.95 47.48 23.74
C VAL I 5 -3.46 48.87 24.14
N SER I 6 -2.44 48.92 24.99
CA SER I 6 -1.91 50.17 25.50
C SER I 6 -0.73 50.61 24.63
N THR I 7 -0.88 51.81 24.05
CA THR I 7 0.17 52.46 23.27
C THR I 7 1.25 53.01 24.22
N THR I 8 2.27 53.64 23.65
CA THR I 8 3.24 54.39 24.44
C THR I 8 2.57 55.68 24.93
N GLU I 9 1.57 56.17 24.19
CA GLU I 9 0.79 57.33 24.60
C GLU I 9 -0.03 57.00 25.83
N ASP I 10 -0.67 55.82 25.82
CA ASP I 10 -1.48 55.36 26.95
C ASP I 10 -0.59 55.22 28.18
N LEU I 11 0.59 54.62 27.99
CA LEU I 11 1.44 54.23 29.10
C LEU I 11 2.06 55.44 29.77
N GLN I 12 2.83 56.24 29.00
CA GLN I 12 3.51 57.42 29.53
C GLN I 12 2.57 58.19 30.45
N ARG I 13 1.28 58.24 30.07
CA ARG I 13 0.26 58.90 30.86
C ARG I 13 -0.03 58.14 32.16
N TYR I 14 -0.13 56.81 32.09
CA TYR I 14 -0.41 56.01 33.28
C TYR I 14 0.75 56.10 34.27
N ARG I 15 1.98 56.10 33.72
CA ARG I 15 3.18 56.21 34.52
C ARG I 15 3.10 57.45 35.42
N THR I 16 2.67 58.58 34.85
CA THR I 16 2.71 59.86 35.54
C THR I 16 1.54 59.95 36.52
N GLU I 17 0.37 59.40 36.15
CA GLU I 17 -0.76 59.37 37.05
C GLU I 17 -0.43 58.53 38.29
N CYS I 18 0.23 57.40 38.07
CA CYS I 18 0.61 56.50 39.16
C CYS I 18 1.70 57.15 40.02
N VAL I 19 2.67 57.82 39.38
CA VAL I 19 3.75 58.47 40.10
C VAL I 19 3.16 59.56 40.99
N SER I 20 2.13 60.25 40.46
CA SER I 20 1.50 61.36 41.15
C SER I 20 0.61 60.84 42.27
N SER I 21 -0.26 59.87 41.99
CA SER I 21 -1.21 59.39 42.98
C SER I 21 -0.50 58.63 44.10
N LEU I 22 0.59 57.92 43.78
CA LEU I 22 1.32 57.15 44.78
C LEU I 22 2.45 57.99 45.35
N ASN I 23 2.67 59.20 44.81
CA ASN I 23 3.65 60.11 45.35
C ASN I 23 5.03 59.46 45.29
N ILE I 24 5.40 58.99 44.10
CA ILE I 24 6.61 58.19 43.97
C ILE I 24 7.81 59.13 43.91
N PRO I 25 8.86 58.92 44.74
CA PRO I 25 10.10 59.70 44.68
C PRO I 25 10.83 59.57 43.34
N ALA I 26 11.50 60.65 42.94
CA ALA I 26 12.02 60.82 41.59
C ALA I 26 13.12 59.83 41.30
N ASP I 27 13.79 59.40 42.37
CA ASP I 27 14.79 58.35 42.36
C ASP I 27 14.22 57.07 41.75
N TYR I 28 12.98 56.74 42.11
CA TYR I 28 12.35 55.52 41.62
C TYR I 28 11.96 55.69 40.16
N VAL I 29 11.34 56.83 39.87
CA VAL I 29 10.89 57.14 38.52
C VAL I 29 12.03 56.93 37.53
N GLU I 30 13.23 57.45 37.85
CA GLU I 30 14.33 57.38 36.90
C GLU I 30 14.74 55.92 36.69
N LYS I 31 14.65 55.09 37.73
CA LYS I 31 14.98 53.68 37.64
C LYS I 31 13.96 52.94 36.77
N PHE I 32 12.67 53.25 36.95
CA PHE I 32 11.60 52.65 36.17
C PHE I 32 11.85 52.83 34.68
N LYS I 33 12.34 54.03 34.30
CA LYS I 33 12.61 54.34 32.91
C LYS I 33 13.75 53.47 32.38
N LYS I 34 14.68 53.05 33.25
CA LYS I 34 15.76 52.16 32.87
C LYS I 34 15.34 50.69 33.01
N TRP I 35 14.05 50.44 33.21
CA TRP I 35 13.52 49.08 33.39
C TRP I 35 14.21 48.40 34.57
N GLU I 36 14.45 49.20 35.63
CA GLU I 36 14.93 48.68 36.90
C GLU I 36 13.79 48.80 37.92
N PHE I 37 13.48 47.68 38.57
CA PHE I 37 12.33 47.60 39.47
C PHE I 37 12.80 46.95 40.76
N PRO I 38 13.19 47.74 41.78
CA PRO I 38 13.58 47.19 43.09
C PRO I 38 12.45 46.47 43.80
N GLU I 39 12.79 45.41 44.55
CA GLU I 39 11.82 44.68 45.35
C GLU I 39 11.52 45.46 46.63
N ASP I 40 10.59 46.41 46.52
CA ASP I 40 10.05 47.09 47.69
C ASP I 40 8.63 47.54 47.36
N ASP I 41 7.90 47.97 48.40
CA ASP I 41 6.48 48.22 48.29
C ASP I 41 6.19 49.43 47.40
N THR I 42 7.15 50.36 47.33
CA THR I 42 7.00 51.52 46.47
C THR I 42 6.90 51.10 45.01
N THR I 43 7.80 50.20 44.60
CA THR I 43 7.80 49.66 43.24
C THR I 43 6.61 48.74 42.99
N MET I 44 6.31 47.87 43.96
CA MET I 44 5.27 46.88 43.78
C MET I 44 3.94 47.57 43.49
N CYS I 45 3.60 48.58 44.30
CA CYS I 45 2.34 49.29 44.16
C CYS I 45 2.33 50.14 42.88
N TYR I 46 3.50 50.63 42.45
CA TYR I 46 3.59 51.32 41.16
C TYR I 46 3.14 50.39 40.03
N ILE I 47 3.74 49.20 39.98
CA ILE I 47 3.45 48.22 38.95
C ILE I 47 1.96 47.88 38.96
N LYS I 48 1.42 47.60 40.14
CA LYS I 48 0.02 47.24 40.26
C LYS I 48 -0.84 48.36 39.69
N CYS I 49 -0.47 49.61 40.03
CA CYS I 49 -1.19 50.78 39.57
C CYS I 49 -1.17 50.88 38.04
N VAL I 50 0.00 50.69 37.45
CA VAL I 50 0.12 50.76 36.00
C VAL I 50 -0.69 49.60 35.37
N PHE I 51 -0.63 48.41 35.97
CA PHE I 51 -1.35 47.27 35.43
C PHE I 51 -2.86 47.40 35.63
N ASN I 52 -3.28 48.00 36.75
CA ASN I 52 -4.70 48.30 36.97
C ASN I 52 -5.21 49.11 35.78
N LYS I 53 -4.46 50.16 35.42
CA LYS I 53 -4.88 51.13 34.42
C LYS I 53 -4.83 50.51 33.02
N MET I 54 -3.91 49.58 32.77
CA MET I 54 -3.83 48.91 31.48
C MET I 54 -4.82 47.75 31.38
N GLN I 55 -5.54 47.47 32.47
CA GLN I 55 -6.51 46.37 32.55
C GLN I 55 -5.79 45.03 32.40
N LEU I 56 -4.61 44.93 33.02
CA LEU I 56 -3.80 43.73 32.94
C LEU I 56 -3.86 42.97 34.26
N PHE I 57 -4.43 43.60 35.30
CA PHE I 57 -4.40 43.09 36.67
C PHE I 57 -5.58 43.66 37.46
N ASP I 58 -6.27 42.79 38.20
CA ASP I 58 -7.39 43.18 39.05
C ASP I 58 -7.05 42.78 40.48
N ASP I 59 -7.32 43.68 41.45
CA ASP I 59 -6.81 43.49 42.79
C ASP I 59 -7.39 42.22 43.41
N THR I 60 -8.57 41.80 42.94
CA THR I 60 -9.22 40.61 43.46
C THR I 60 -8.91 39.39 42.59
N GLU I 61 -9.11 39.50 41.27
CA GLU I 61 -9.00 38.35 40.38
C GLU I 61 -7.54 38.06 40.04
N GLY I 62 -6.67 39.08 40.19
CA GLY I 62 -5.26 38.93 39.89
C GLY I 62 -4.97 39.24 38.43
N PRO I 63 -3.92 38.64 37.84
CA PRO I 63 -3.59 38.90 36.44
C PRO I 63 -4.74 38.51 35.53
N LEU I 64 -5.00 39.35 34.53
CA LEU I 64 -6.10 39.19 33.60
C LEU I 64 -5.55 38.64 32.29
N VAL I 65 -5.74 37.33 32.09
CA VAL I 65 -4.89 36.56 31.20
C VAL I 65 -5.14 36.91 29.73
N ASP I 66 -6.42 37.04 29.31
CA ASP I 66 -6.69 37.33 27.91
C ASP I 66 -6.16 38.72 27.54
N ASN I 67 -6.23 39.69 28.46
CA ASN I 67 -5.74 41.03 28.20
C ASN I 67 -4.22 41.01 28.18
N LEU I 68 -3.61 40.19 29.04
CA LEU I 68 -2.16 40.06 29.08
C LEU I 68 -1.65 39.50 27.77
N VAL I 69 -2.29 38.41 27.32
CA VAL I 69 -1.94 37.75 26.07
C VAL I 69 -2.11 38.73 24.92
N HIS I 70 -3.27 39.39 24.90
CA HIS I 70 -3.58 40.40 23.90
C HIS I 70 -2.48 41.47 23.83
N GLN I 71 -2.06 41.98 24.99
CA GLN I 71 -1.12 43.09 25.02
C GLN I 71 0.20 42.66 24.40
N LEU I 72 0.69 41.47 24.77
CA LEU I 72 1.97 41.01 24.29
C LEU I 72 1.86 40.55 22.82
N ALA I 73 0.68 40.05 22.41
CA ALA I 73 0.52 39.33 21.16
C ALA I 73 -0.17 40.16 20.08
N HIS I 74 -1.00 41.13 20.49
CA HIS I 74 -1.79 41.95 19.59
C HIS I 74 -2.77 41.09 18.79
N GLY I 75 -3.29 40.03 19.42
CA GLY I 75 -4.14 39.06 18.74
C GLY I 75 -3.43 38.30 17.64
N ARG I 76 -2.12 38.04 17.80
CA ARG I 76 -1.33 37.30 16.82
C ARG I 76 -0.31 36.40 17.52
N ASP I 77 -0.46 35.08 17.32
CA ASP I 77 0.32 34.05 18.00
C ASP I 77 -0.10 33.97 19.47
N ALA I 78 -1.41 34.01 19.71
CA ALA I 78 -1.96 33.99 21.07
C ALA I 78 -1.44 32.79 21.85
N GLU I 79 -1.35 31.62 21.20
CA GLU I 79 -1.24 30.36 21.90
C GLU I 79 0.09 30.25 22.64
N GLU I 80 1.18 30.61 21.96
CA GLU I 80 2.53 30.54 22.53
C GLU I 80 2.68 31.53 23.69
N VAL I 81 2.12 32.73 23.52
CA VAL I 81 2.18 33.78 24.53
C VAL I 81 1.49 33.25 25.80
N ARG I 82 0.31 32.64 25.62
CA ARG I 82 -0.56 32.25 26.71
C ARG I 82 0.19 31.30 27.64
N THR I 83 0.92 30.35 27.04
CA THR I 83 1.72 29.40 27.78
C THR I 83 2.70 30.12 28.70
N GLU I 84 3.38 31.15 28.14
CA GLU I 84 4.39 31.90 28.87
C GLU I 84 3.71 32.71 29.98
N VAL I 85 2.63 33.41 29.63
CA VAL I 85 1.92 34.22 30.60
C VAL I 85 1.51 33.33 31.78
N LEU I 86 0.89 32.18 31.47
CA LEU I 86 0.33 31.31 32.49
C LEU I 86 1.42 30.74 33.40
N LYS I 87 2.66 30.65 32.90
CA LYS I 87 3.76 30.23 33.74
C LYS I 87 3.88 31.18 34.93
N CYS I 88 3.58 32.47 34.72
CA CYS I 88 3.80 33.52 35.71
C CYS I 88 2.50 33.94 36.40
N VAL I 89 1.43 33.20 36.18
CA VAL I 89 0.19 33.38 36.92
C VAL I 89 0.20 32.48 38.15
N ASP I 90 -0.13 33.08 39.30
CA ASP I 90 -0.17 32.39 40.57
C ASP I 90 -1.26 33.03 41.43
N LYS I 91 -1.40 32.53 42.65
CA LYS I 91 -2.42 32.96 43.60
C LYS I 91 -1.88 34.07 44.51
N ASN I 92 -2.79 34.79 45.16
CA ASN I 92 -2.44 35.86 46.07
C ASN I 92 -2.04 35.28 47.42
N THR I 93 -0.86 34.66 47.48
CA THR I 93 -0.49 33.80 48.59
C THR I 93 -0.32 34.62 49.89
N ASP I 94 0.16 35.87 49.81
CA ASP I 94 0.42 36.65 51.00
C ASP I 94 -0.57 37.81 51.16
N ASN I 95 -1.64 37.81 50.36
CA ASN I 95 -2.72 38.74 50.55
C ASN I 95 -2.21 40.18 50.42
N ASN I 96 -1.50 40.43 49.32
CA ASN I 96 -0.90 41.73 49.04
C ASN I 96 -0.93 41.93 47.53
N ALA I 97 -1.92 42.70 47.06
CA ALA I 97 -2.21 42.87 45.64
C ALA I 97 -1.01 43.49 44.91
N CYS I 98 -0.33 44.42 45.60
CA CYS I 98 0.85 45.06 45.05
C CYS I 98 1.92 44.01 44.79
N HIS I 99 2.15 43.12 45.76
CA HIS I 99 3.15 42.07 45.62
C HIS I 99 2.76 41.09 44.54
N TRP I 100 1.48 40.70 44.53
CA TRP I 100 0.90 39.81 43.55
C TRP I 100 1.18 40.30 42.12
N ALA I 101 0.88 41.57 41.84
CA ALA I 101 1.09 42.16 40.54
C ALA I 101 2.57 42.16 40.17
N PHE I 102 3.41 42.53 41.14
CA PHE I 102 4.83 42.67 40.92
C PHE I 102 5.47 41.31 40.62
N ARG I 103 5.05 40.27 41.35
CA ARG I 103 5.62 38.92 41.26
C ARG I 103 5.41 38.36 39.86
N GLY I 104 4.21 38.58 39.29
CA GLY I 104 3.89 38.15 37.95
C GLY I 104 4.68 38.89 36.89
N PHE I 105 4.80 40.22 37.05
CA PHE I 105 5.60 41.03 36.17
C PHE I 105 7.05 40.55 36.18
N LYS I 106 7.58 40.24 37.36
CA LYS I 106 9.00 39.94 37.48
C LYS I 106 9.28 38.52 36.98
N CYS I 107 8.38 37.58 37.27
CA CYS I 107 8.47 36.24 36.70
C CYS I 107 8.57 36.32 35.18
N PHE I 108 7.77 37.21 34.59
CA PHE I 108 7.68 37.29 33.14
C PHE I 108 8.89 38.01 32.57
N GLN I 109 9.43 39.02 33.26
CA GLN I 109 10.55 39.79 32.73
C GLN I 109 11.82 38.95 32.75
N LYS I 110 11.87 37.97 33.66
CA LYS I 110 13.06 37.16 33.87
C LYS I 110 13.51 36.49 32.57
N ASN I 111 12.55 36.08 31.71
CA ASN I 111 12.85 35.39 30.46
C ASN I 111 12.37 36.19 29.24
N ASN I 112 11.42 37.11 29.41
CA ASN I 112 10.63 37.62 28.31
C ASN I 112 10.61 39.14 28.27
N LEU I 113 11.61 39.78 28.88
CA LEU I 113 11.63 41.23 29.02
C LEU I 113 11.49 41.90 27.65
N SER I 114 12.19 41.37 26.65
CA SER I 114 12.21 41.98 25.32
C SER I 114 10.80 42.04 24.73
N LEU I 115 10.01 40.98 24.97
CA LEU I 115 8.64 40.94 24.46
C LEU I 115 7.76 41.94 25.20
N ILE I 116 8.02 42.15 26.50
CA ILE I 116 7.34 43.21 27.23
C ILE I 116 7.66 44.55 26.57
N LYS I 117 8.94 44.80 26.30
CA LYS I 117 9.34 46.07 25.69
C LYS I 117 8.70 46.21 24.31
N ALA I 118 8.65 45.09 23.57
CA ALA I 118 8.14 45.07 22.21
C ALA I 118 6.66 45.44 22.17
N SER I 119 5.90 45.09 23.21
CA SER I 119 4.45 45.11 23.18
C SER I 119 3.89 46.53 23.18
N ILE I 120 4.65 47.51 23.69
CA ILE I 120 4.24 48.90 23.67
C ILE I 120 4.88 49.59 22.46
C1 MLA J . 12.88 29.16 12.45
O1A MLA J . 11.97 29.05 13.29
O1B MLA J . 13.20 30.27 11.97
C2 MLA J . 13.56 27.86 12.02
C3 MLA J . 14.89 28.00 11.31
O3A MLA J . 15.21 29.10 10.78
O3B MLA J . 15.64 27.00 11.29
HC21 MLA J . 12.87 27.32 11.36
HC22 MLA J . 13.70 27.24 12.91
C1 MLA K . 14.72 16.32 19.26
O1A MLA K . 14.64 17.24 20.10
O1B MLA K . 14.39 15.13 19.57
C2 MLA K . 15.20 16.69 17.86
C3 MLA K . 16.08 15.64 17.22
O3A MLA K . 16.65 15.85 16.10
O3B MLA K . 16.19 14.56 17.83
HC21 MLA K . 14.32 16.86 17.23
HC22 MLA K . 15.75 17.62 17.92
C1 PAM L . 19.52 14.48 -23.69
O1 PAM L . 19.23 15.55 -23.13
O2 PAM L . 19.47 14.29 -24.92
C2 PAM L . 19.98 13.31 -22.83
C3 PAM L . 21.34 12.81 -23.20
C4 PAM L . 21.42 11.30 -23.22
C5 PAM L . 21.70 10.68 -21.88
C6 PAM L . 23.16 10.64 -21.50
C7 PAM L . 23.66 9.26 -21.09
C8 PAM L . 24.20 8.47 -22.23
C9 PAM L . 24.28 7.00 -21.96
C10 PAM L . 24.03 6.09 -22.84
C11 PAM L . 23.88 6.35 -24.31
C12 PAM L . 23.67 5.12 -25.13
C13 PAM L . 24.92 4.34 -25.46
C14 PAM L . 25.06 3.99 -26.92
C15 PAM L . 26.02 2.87 -27.20
C16 PAM L . 26.11 2.50 -28.65
H21 PAM L . 19.33 12.59 -22.91
H22 PAM L . 20.00 13.60 -21.89
H31 PAM L . 22.00 13.15 -22.56
H32 PAM L . 21.59 13.15 -24.08
H41 PAM L . 22.12 11.03 -23.85
H42 PAM L . 20.57 10.94 -23.55
H51 PAM L . 21.34 9.77 -21.87
H52 PAM L . 21.22 11.19 -21.19
H61 PAM L . 23.31 11.26 -20.76
H62 PAM L . 23.69 10.96 -22.26
H71 PAM L . 22.92 8.77 -20.67
H72 PAM L . 24.36 9.37 -20.42
H81 PAM L . 25.10 8.81 -22.45
H82 PAM L . 23.62 8.62 -23.00
H9 PAM L . 24.54 6.73 -21.09
H10 PAM L . 23.94 5.18 -22.55
H111 PAM L . 24.68 6.81 -24.63
H112 PAM L . 23.10 6.95 -24.44
H121 PAM L . 23.24 5.38 -25.96
H122 PAM L . 23.06 4.53 -24.65
H131 PAM L . 24.94 3.51 -24.94
H132 PAM L . 25.71 4.87 -25.20
H141 PAM L . 25.34 4.78 -27.42
H142 PAM L . 24.17 3.72 -27.26
H151 PAM L . 25.73 2.08 -26.69
H152 PAM L . 26.90 3.13 -26.88
H161 PAM L . 26.37 1.57 -28.73
H162 PAM L . 26.77 3.07 -29.09
H163 PAM L . 25.24 2.64 -29.07
C1 MLA M . 15.57 -23.28 -19.91
O1A MLA M . 15.85 -22.17 -19.41
O1B MLA M . 16.08 -23.62 -21.00
C2 MLA M . 14.61 -24.23 -19.21
C3 MLA M . 14.40 -24.08 -17.70
O3A MLA M . 13.68 -24.95 -17.13
O3B MLA M . 14.91 -23.16 -17.01
HC21 MLA M . 14.94 -25.24 -19.41
HC22 MLA M . 13.63 -24.13 -19.70
C1 MLA N . 15.91 -12.97 -9.52
O1A MLA N . 16.86 -13.39 -10.23
O1B MLA N . 15.76 -11.76 -9.26
C2 MLA N . 14.91 -13.96 -8.96
C3 MLA N . 14.45 -14.97 -9.99
O3A MLA N . 14.61 -14.73 -11.21
O3B MLA N . 13.92 -16.03 -9.57
HC21 MLA N . 14.04 -13.41 -8.59
HC22 MLA N . 15.36 -14.48 -8.12
C1 PAM O . -19.95 -36.56 -19.36
O1 PAM O . -19.09 -36.66 -20.26
O2 PAM O . -21.14 -36.88 -19.50
C2 PAM O . -19.53 -36.03 -18.00
C3 PAM O . -20.42 -36.48 -16.87
C4 PAM O . -19.67 -36.56 -15.55
C5 PAM O . -20.47 -36.12 -14.35
C6 PAM O . -19.62 -35.54 -13.25
C7 PAM O . -20.07 -35.89 -11.83
C8 PAM O . -21.54 -35.88 -11.61
C9 PAM O . -21.94 -35.27 -10.30
C10 PAM O . -23.17 -35.02 -9.94
C11 PAM O . -24.41 -35.65 -10.53
C12 PAM O . -25.65 -35.28 -9.79
C13 PAM O . -26.75 -36.34 -9.81
C14 PAM O . -27.52 -36.44 -8.51
C15 PAM O . -28.88 -37.05 -8.64
C16 PAM O . -29.47 -37.53 -7.34
H21 PAM O . -19.53 -35.06 -18.04
H22 PAM O . -18.62 -36.33 -17.83
H31 PAM O . -20.80 -37.36 -17.08
H32 PAM O . -21.18 -35.85 -16.78
H41 PAM O . -18.87 -36.00 -15.62
H42 PAM O . -19.38 -37.48 -15.42
H51 PAM O . -20.95 -36.89 -13.99
H52 PAM O . -21.13 -35.46 -14.62
H61 PAM O . -19.62 -34.56 -13.34
H62 PAM O . -18.69 -35.85 -13.36
H71 PAM O . -19.65 -35.25 -11.21
H72 PAM O . -19.73 -36.77 -11.60
H81 PAM O . -21.88 -36.81 -11.65
H82 PAM O . -21.97 -35.37 -12.34
H9 PAM O . -21.26 -35.05 -9.69
H10 PAM O . -23.30 -34.40 -9.24
H111 PAM O . -24.31 -36.62 -10.52
H112 PAM O . -24.50 -35.36 -11.46
H121 PAM O . -26.02 -34.45 -10.17
H122 PAM O . -25.42 -35.10 -8.85
H131 PAM O . -26.36 -37.20 -10.01
H132 PAM O . -27.38 -36.11 -10.53
H141 PAM O . -27.62 -35.54 -8.12
H142 PAM O . -26.99 -36.97 -7.88
H151 PAM O . -28.82 -37.82 -9.26
H152 PAM O . -29.49 -36.40 -9.04
H161 PAM O . -30.36 -37.91 -7.51
H162 PAM O . -29.55 -36.79 -6.73
H163 PAM O . -28.89 -38.22 -6.95
C1 MLA P . -38.57 -10.93 3.52
O1A MLA P . -37.83 -9.92 3.61
O1B MLA P . -39.77 -10.89 3.85
C2 MLA P . -37.98 -12.24 3.02
C3 MLA P . -38.89 -13.45 3.16
O3A MLA P . -39.94 -13.40 3.87
O3B MLA P . -38.57 -14.51 2.57
HC21 MLA P . -37.04 -12.43 3.56
HC22 MLA P . -37.73 -12.12 1.96
C1 MLA Q . -25.65 -10.70 0.48
O1A MLA Q . -24.69 -10.04 0.00
O1B MLA Q . -26.84 -10.31 0.45
C2 MLA Q . -25.36 -12.03 1.13
C3 MLA Q . -24.29 -12.83 0.40
O3A MLA Q . -23.44 -12.26 -0.31
O3B MLA Q . -24.32 -14.06 0.57
HC21 MLA Q . -25.05 -11.87 2.16
HC22 MLA Q . -26.27 -12.63 1.15
C1 MLA R . -9.06 -2.66 2.20
O1A MLA R . -9.44 -1.70 2.90
O1B MLA R . -8.75 -2.54 1.01
C2 MLA R . -9.01 -4.00 2.84
C3 MLA R . -10.47 -4.34 3.02
O3A MLA R . -11.08 -4.63 1.97
O3B MLA R . -10.97 -4.30 4.16
HC21 MLA R . -8.52 -4.73 2.21
HC22 MLA R . -8.51 -3.95 3.81
C1 PAM S . 7.43 51.31 33.46
O1 PAM S . 8.56 51.54 33.91
O2 PAM S . 6.52 52.16 33.46
C2 PAM S . 7.14 49.93 32.91
C3 PAM S . 5.89 49.29 33.44
C4 PAM S . 5.57 47.99 32.75
C5 PAM S . 4.52 48.08 31.66
C6 PAM S . 4.66 47.05 30.55
C7 PAM S . 3.39 46.31 30.16
C8 PAM S . 3.18 45.01 30.89
C9 PAM S . 2.73 43.88 30.01
C10 PAM S . 2.99 42.61 30.19
C11 PAM S . 3.94 42.03 31.19
C12 PAM S . 3.26 41.50 32.43
C13 PAM S . 3.13 40.00 32.45
C14 PAM S . 2.49 39.43 33.68
C15 PAM S . 2.25 37.96 33.59
C16 PAM S . 1.78 37.31 34.88
H21 PAM S . 7.90 49.35 33.11
H22 PAM S . 7.06 50.00 31.93
H31 PAM S . 5.13 49.90 33.32
H32 PAM S . 6.00 49.12 34.40
H41 PAM S . 5.28 47.33 33.42
H42 PAM S . 6.40 47.63 32.35
H51 PAM S . 4.55 48.98 31.26
H52 PAM S . 3.64 47.97 32.08
H61 PAM S . 5.34 46.39 30.82
H62 PAM S . 5.00 47.51 29.75
H71 PAM S . 3.40 46.13 29.20
H72 PAM S . 2.61 46.89 30.35
H81 PAM S . 2.51 45.14 31.60
H82 PAM S . 4.03 44.75 31.32
H9 PAM S . 2.20 44.11 29.26
H10 PAM S . 2.54 42.00 29.62
H111 PAM S . 4.58 42.71 31.46
H112 PAM S . 4.44 41.30 30.77
H121 PAM S . 2.38 41.90 32.51
H122 PAM S . 3.79 41.77 33.21
H131 PAM S . 4.02 39.60 32.35
H132 PAM S . 2.60 39.72 31.67
H141 PAM S . 1.63 39.89 33.83
H142 PAM S . 3.07 39.62 34.45
H151 PAM S . 3.09 37.53 33.31
H152 PAM S . 1.59 37.79 32.89
H161 PAM S . 1.58 36.37 34.72
H162 PAM S . 0.99 37.77 35.19
H163 PAM S . 2.48 37.38 35.56
#